data_2WQJ
#
_entry.id   2WQJ
#
_cell.length_a   57.850
_cell.length_b   98.930
_cell.length_c   120.120
_cell.angle_alpha   90.00
_cell.angle_beta   91.77
_cell.angle_gamma   90.00
#
_symmetry.space_group_name_H-M   'P 1 21 1'
#
loop_
_entity.id
_entity.type
_entity.pdbx_description
1 polymer 'TUMOR PROTEIN P73'
2 water water
#
_entity_poly.entity_id   1
_entity_poly.type   'polypeptide(L)'
_entity_poly.pdbx_seq_one_letter_code
;GSDEDTYYLQVRGRENFEILMKLKESLELMELVPQ
;
_entity_poly.pdbx_strand_id   A,B,C,D,E,F,G,H,I,J,K,L,M,N,O,P,Q,R,S,T,U,V,W,X,Y,Z,1,2
#
# COMPACT_ATOMS: atom_id res chain seq x y z
N GLY A 1 -5.98 13.20 24.51
CA GLY A 1 -7.16 14.01 24.22
C GLY A 1 -8.06 13.40 23.15
N SER A 2 -8.67 14.27 22.35
CA SER A 2 -9.67 13.85 21.36
C SER A 2 -9.02 13.18 20.15
N ASP A 3 -9.72 12.22 19.56
CA ASP A 3 -9.24 11.60 18.33
C ASP A 3 -10.11 11.96 17.13
N THR A 6 -10.81 10.00 11.74
CA THR A 6 -10.61 10.78 10.53
C THR A 6 -9.14 10.89 10.16
N TYR A 7 -8.81 10.44 8.95
CA TYR A 7 -7.43 10.39 8.48
C TYR A 7 -7.31 10.90 7.06
N TYR A 8 -6.09 11.18 6.66
CA TYR A 8 -5.83 11.61 5.29
C TYR A 8 -4.76 10.72 4.67
N LEU A 9 -5.17 9.90 3.72
CA LEU A 9 -4.26 9.01 3.01
C LEU A 9 -3.64 9.80 1.87
N GLN A 10 -2.31 9.77 1.76
CA GLN A 10 -1.66 10.43 0.62
C GLN A 10 -1.51 9.49 -0.57
N VAL A 11 -1.84 9.99 -1.76
CA VAL A 11 -1.89 9.17 -2.94
C VAL A 11 -1.18 9.86 -4.09
N ARG A 12 -0.32 9.13 -4.78
CA ARG A 12 0.35 9.67 -5.95
C ARG A 12 -0.29 9.11 -7.22
N GLY A 13 -0.56 10.00 -8.17
CA GLY A 13 -1.22 9.60 -9.41
C GLY A 13 -2.71 9.88 -9.32
N ARG A 14 -3.28 10.37 -10.40
CA ARG A 14 -4.69 10.72 -10.39
C ARG A 14 -5.53 9.46 -10.53
N GLU A 15 -5.01 8.48 -11.25
CA GLU A 15 -5.70 7.20 -11.43
C GLU A 15 -5.90 6.47 -10.11
N ASN A 16 -4.82 6.30 -9.35
CA ASN A 16 -4.91 5.66 -8.05
C ASN A 16 -5.78 6.46 -7.09
N PHE A 17 -5.72 7.79 -7.21
CA PHE A 17 -6.57 8.61 -6.37
C PHE A 17 -8.04 8.30 -6.62
N GLU A 18 -8.44 8.27 -7.88
CA GLU A 18 -9.82 7.95 -8.24
C GLU A 18 -10.20 6.53 -7.83
N ILE A 19 -9.29 5.59 -8.05
CA ILE A 19 -9.55 4.20 -7.68
C ILE A 19 -9.75 4.08 -6.18
N LEU A 20 -8.87 4.72 -5.41
CA LEU A 20 -8.99 4.63 -3.95
C LEU A 20 -10.25 5.31 -3.41
N MET A 21 -10.70 6.36 -4.08
CA MET A 21 -11.96 6.98 -3.68
C MET A 21 -13.09 5.95 -3.81
N LYS A 22 -13.09 5.23 -4.94
CA LYS A 22 -14.12 4.24 -5.24
C LYS A 22 -14.05 3.07 -4.28
N LEU A 23 -12.83 2.65 -3.96
CA LEU A 23 -12.65 1.59 -2.98
C LEU A 23 -13.09 2.04 -1.60
N LYS A 24 -12.81 3.28 -1.25
CA LYS A 24 -13.25 3.80 0.04
C LYS A 24 -14.78 3.81 0.14
N GLU A 25 -15.41 4.32 -0.92
CA GLU A 25 -16.86 4.32 -0.99
C GLU A 25 -17.43 2.91 -0.89
N SER A 26 -16.75 1.94 -1.51
CA SER A 26 -17.22 0.55 -1.44
C SER A 26 -17.15 -0.01 -0.02
N LEU A 27 -16.03 0.24 0.66
CA LEU A 27 -15.88 -0.18 2.04
C LEU A 27 -17.01 0.35 2.91
N GLU A 28 -17.30 1.64 2.75
CA GLU A 28 -18.37 2.29 3.50
C GLU A 28 -19.72 1.63 3.20
N LEU A 29 -19.99 1.33 1.92
CA LEU A 29 -21.26 0.70 1.59
C LEU A 29 -21.32 -0.67 2.22
N MET A 30 -20.21 -1.39 2.15
CA MET A 30 -20.15 -2.72 2.71
C MET A 30 -20.39 -2.68 4.21
N GLU A 31 -20.04 -1.55 4.82
CA GLU A 31 -20.16 -1.40 6.28
C GLU A 31 -21.49 -0.77 6.71
N LEU A 32 -22.42 -0.56 5.92
N THR B 6 0.15 14.13 -6.58
CA THR B 6 -0.15 13.86 -5.17
C THR B 6 -1.51 14.44 -4.77
N TYR B 7 -2.34 13.60 -4.16
CA TYR B 7 -3.66 14.01 -3.68
C TYR B 7 -3.87 13.47 -2.28
N TYR B 8 -4.80 14.07 -1.55
CA TYR B 8 -5.11 13.56 -0.20
C TYR B 8 -6.55 13.07 -0.12
N LEU B 9 -6.73 11.82 0.29
CA LEU B 9 -8.06 11.25 0.39
C LEU B 9 -8.48 11.13 1.84
N GLN B 10 -9.60 11.76 2.20
CA GLN B 10 -10.09 11.68 3.56
C GLN B 10 -10.76 10.34 3.85
N VAL B 11 -10.47 9.78 5.02
CA VAL B 11 -10.99 8.49 5.42
C VAL B 11 -11.50 8.54 6.85
N ARG B 12 -12.68 7.96 7.10
CA ARG B 12 -13.21 7.86 8.45
C ARG B 12 -13.03 6.46 9.00
N GLY B 13 -12.51 6.37 10.23
CA GLY B 13 -12.33 5.12 10.92
C GLY B 13 -10.94 4.54 10.71
N ARG B 14 -10.30 4.11 11.79
CA ARG B 14 -8.91 3.66 11.69
C ARG B 14 -8.77 2.37 10.87
N GLU B 15 -9.69 1.43 11.04
CA GLU B 15 -9.63 0.20 10.27
C GLU B 15 -9.72 0.48 8.76
N ASN B 16 -10.63 1.36 8.36
CA ASN B 16 -10.76 1.76 6.96
C ASN B 16 -9.51 2.44 6.44
N PHE B 17 -8.90 3.28 7.28
CA PHE B 17 -7.66 3.94 6.92
C PHE B 17 -6.56 2.90 6.71
N GLU B 18 -6.45 1.94 7.63
CA GLU B 18 -5.44 0.89 7.48
C GLU B 18 -5.73 -0.02 6.27
N ILE B 19 -7.00 -0.31 6.03
CA ILE B 19 -7.40 -1.07 4.83
C ILE B 19 -6.98 -0.34 3.55
N LEU B 20 -7.32 0.94 3.46
CA LEU B 20 -7.03 1.70 2.24
C LEU B 20 -5.54 1.91 2.02
N MET B 21 -4.77 1.93 3.10
CA MET B 21 -3.32 1.99 2.98
C MET B 21 -2.81 0.72 2.29
N LYS B 22 -3.32 -0.42 2.73
CA LYS B 22 -2.97 -1.70 2.12
C LYS B 22 -3.45 -1.81 0.65
N LEU B 23 -4.63 -1.27 0.37
CA LEU B 23 -5.14 -1.26 -0.99
C LEU B 23 -4.32 -0.36 -1.90
N LYS B 24 -3.91 0.80 -1.40
CA LYS B 24 -3.00 1.66 -2.15
C LYS B 24 -1.68 0.95 -2.47
N GLU B 25 -1.07 0.34 -1.45
CA GLU B 25 0.13 -0.45 -1.67
C GLU B 25 -0.10 -1.58 -2.68
N SER B 26 -1.26 -2.24 -2.61
CA SER B 26 -1.56 -3.28 -3.59
C SER B 26 -1.63 -2.74 -5.02
N LEU B 27 -2.24 -1.57 -5.18
CA LEU B 27 -2.39 -0.95 -6.49
C LEU B 27 -1.03 -0.62 -7.10
N GLU B 28 -0.13 -0.13 -6.25
CA GLU B 28 1.20 0.22 -6.70
C GLU B 28 1.99 -1.03 -7.09
N LEU B 29 1.75 -2.13 -6.38
CA LEU B 29 2.36 -3.40 -6.74
C LEU B 29 1.87 -3.91 -8.10
N MET B 30 0.58 -3.80 -8.36
CA MET B 30 0.03 -4.21 -9.64
C MET B 30 0.58 -3.34 -10.77
N GLU B 31 0.92 -2.11 -10.44
CA GLU B 31 1.40 -1.15 -11.44
C GLU B 31 2.91 -1.27 -11.68
N LEU B 32 3.61 -2.09 -11.09
N GLY C 1 -35.06 -6.71 -11.32
CA GLY C 1 -35.69 -5.44 -10.94
C GLY C 1 -35.82 -5.27 -9.44
N SER C 2 -36.02 -4.02 -8.99
CA SER C 2 -36.13 -3.74 -7.55
C SER C 2 -37.20 -4.62 -6.86
N ASP C 3 -38.30 -4.92 -7.56
CA ASP C 3 -39.34 -5.81 -7.04
C ASP C 3 -38.77 -7.13 -6.55
N GLU C 4 -37.84 -7.68 -7.33
CA GLU C 4 -37.23 -8.95 -6.96
C GLU C 4 -35.89 -8.70 -6.25
N ASP C 5 -35.59 -7.43 -5.99
CA ASP C 5 -34.35 -7.01 -5.34
C ASP C 5 -33.11 -7.33 -6.20
N THR C 6 -33.32 -7.41 -7.51
CA THR C 6 -32.25 -7.81 -8.40
C THR C 6 -31.89 -6.69 -9.35
N TYR C 7 -30.60 -6.50 -9.51
CA TYR C 7 -30.08 -5.43 -10.35
C TYR C 7 -29.16 -6.09 -11.37
N TYR C 8 -29.02 -5.47 -12.54
CA TYR C 8 -28.16 -6.02 -13.59
C TYR C 8 -27.09 -5.02 -14.00
N LEU C 9 -25.84 -5.40 -13.81
CA LEU C 9 -24.72 -4.56 -14.20
C LEU C 9 -24.23 -4.94 -15.59
N GLN C 10 -24.33 -4.01 -16.55
CA GLN C 10 -23.80 -4.23 -17.91
C GLN C 10 -22.27 -4.21 -17.82
N VAL C 11 -21.61 -5.17 -18.49
CA VAL C 11 -20.15 -5.21 -18.53
C VAL C 11 -19.66 -5.56 -19.94
N ARG C 12 -18.82 -4.70 -20.52
CA ARG C 12 -18.26 -4.98 -21.84
C ARG C 12 -16.92 -5.69 -21.67
N GLY C 13 -16.79 -6.86 -22.30
CA GLY C 13 -15.58 -7.65 -22.21
C GLY C 13 -15.69 -8.87 -21.29
N ARG C 14 -15.38 -10.05 -21.83
CA ARG C 14 -15.37 -11.27 -21.04
C ARG C 14 -14.42 -11.19 -19.84
N GLU C 15 -13.27 -10.54 -20.03
CA GLU C 15 -12.29 -10.43 -18.96
C GLU C 15 -12.86 -9.74 -17.72
N ASN C 16 -13.31 -8.51 -17.90
CA ASN C 16 -13.90 -7.75 -16.80
C ASN C 16 -15.15 -8.46 -16.27
N PHE C 17 -15.93 -9.04 -17.16
CA PHE C 17 -17.09 -9.80 -16.72
C PHE C 17 -16.67 -10.90 -15.75
N GLU C 18 -15.66 -11.67 -16.12
CA GLU C 18 -15.20 -12.76 -15.26
C GLU C 18 -14.58 -12.26 -13.96
N ILE C 19 -13.83 -11.17 -14.03
CA ILE C 19 -13.27 -10.58 -12.81
C ILE C 19 -14.38 -10.19 -11.85
N LEU C 20 -15.39 -9.50 -12.39
CA LEU C 20 -16.49 -8.99 -11.57
C LEU C 20 -17.34 -10.10 -10.98
N MET C 21 -17.47 -11.23 -11.67
CA MET C 21 -18.14 -12.38 -11.06
C MET C 21 -17.38 -12.88 -9.84
N LYS C 22 -16.05 -12.95 -9.94
CA LYS C 22 -15.22 -13.35 -8.80
C LYS C 22 -15.37 -12.35 -7.64
N LEU C 23 -15.31 -11.06 -7.96
CA LEU C 23 -15.47 -10.03 -6.94
C LEU C 23 -16.86 -10.09 -6.31
N LYS C 24 -17.88 -10.32 -7.13
CA LYS C 24 -19.23 -10.48 -6.58
C LYS C 24 -19.31 -11.66 -5.60
N GLU C 25 -18.73 -12.79 -5.98
CA GLU C 25 -18.74 -13.97 -5.11
C GLU C 25 -17.99 -13.67 -3.82
N SER C 26 -16.89 -12.92 -3.91
CA SER C 26 -16.13 -12.52 -2.74
C SER C 26 -16.97 -11.68 -1.79
N LEU C 27 -17.72 -10.71 -2.35
CA LEU C 27 -18.59 -9.85 -1.55
C LEU C 27 -19.61 -10.64 -0.79
N GLU C 28 -20.27 -11.56 -1.50
CA GLU C 28 -21.32 -12.40 -0.91
C GLU C 28 -20.75 -13.30 0.18
N LEU C 29 -19.57 -13.85 -0.06
CA LEU C 29 -18.87 -14.61 0.97
C LEU C 29 -18.52 -13.72 2.17
N MET C 30 -18.01 -12.52 1.92
CA MET C 30 -17.66 -11.60 3.01
C MET C 30 -18.88 -11.23 3.85
N GLU C 31 -20.03 -11.11 3.19
CA GLU C 31 -21.23 -10.62 3.86
C GLU C 31 -21.92 -11.71 4.68
N LEU C 32 -21.54 -12.96 4.45
CA LEU C 32 -22.01 -14.06 5.28
C LEU C 32 -21.23 -14.06 6.59
N VAL C 33 -21.77 -13.74 7.65
N ASP D 5 -17.81 -8.43 -26.39
CA ASP D 5 -19.18 -8.79 -26.06
C ASP D 5 -19.69 -8.08 -24.81
N THR D 6 -21.01 -7.98 -24.69
CA THR D 6 -21.65 -7.34 -23.56
C THR D 6 -22.33 -8.40 -22.69
N TYR D 7 -22.06 -8.33 -21.39
CA TYR D 7 -22.59 -9.28 -20.43
C TYR D 7 -23.40 -8.55 -19.37
N TYR D 8 -24.21 -9.31 -18.64
CA TYR D 8 -25.07 -8.77 -17.61
C TYR D 8 -24.84 -9.53 -16.32
N LEU D 9 -24.32 -8.83 -15.32
CA LEU D 9 -24.07 -9.44 -14.03
C LEU D 9 -25.28 -9.24 -13.15
N GLN D 10 -25.89 -10.33 -12.68
CA GLN D 10 -27.00 -10.17 -11.78
C GLN D 10 -26.45 -9.91 -10.39
N VAL D 11 -26.97 -8.88 -9.73
CA VAL D 11 -26.56 -8.58 -8.37
C VAL D 11 -27.77 -8.46 -7.47
N ARG D 12 -27.79 -9.22 -6.38
CA ARG D 12 -28.87 -9.10 -5.42
C ARG D 12 -28.54 -8.05 -4.35
N GLY D 13 -29.39 -7.04 -4.22
CA GLY D 13 -29.21 -5.98 -3.24
C GLY D 13 -28.64 -4.69 -3.81
N ARG D 14 -29.24 -3.56 -3.44
CA ARG D 14 -28.80 -2.27 -4.00
C ARG D 14 -27.38 -1.91 -3.57
N GLU D 15 -26.99 -2.29 -2.36
CA GLU D 15 -25.66 -1.97 -1.87
C GLU D 15 -24.61 -2.70 -2.69
N ASN D 16 -24.77 -4.01 -2.83
CA ASN D 16 -23.84 -4.80 -3.62
C ASN D 16 -23.78 -4.28 -5.06
N PHE D 17 -24.92 -3.85 -5.59
CA PHE D 17 -24.96 -3.34 -6.97
C PHE D 17 -24.09 -2.09 -7.07
N GLU D 18 -24.25 -1.17 -6.11
CA GLU D 18 -23.45 0.03 -6.11
C GLU D 18 -21.97 -0.28 -5.95
N ILE D 19 -21.65 -1.21 -5.05
CA ILE D 19 -20.27 -1.65 -4.88
C ILE D 19 -19.68 -2.21 -6.18
N LEU D 20 -20.43 -3.09 -6.84
CA LEU D 20 -19.90 -3.72 -8.05
C LEU D 20 -19.72 -2.70 -9.17
N MET D 21 -20.61 -1.72 -9.23
CA MET D 21 -20.46 -0.62 -10.18
C MET D 21 -19.13 0.10 -9.93
N LYS D 22 -18.83 0.39 -8.66
CA LYS D 22 -17.60 1.06 -8.30
C LYS D 22 -16.36 0.23 -8.60
N LEU D 23 -16.45 -1.08 -8.36
CA LEU D 23 -15.34 -1.98 -8.65
C LEU D 23 -15.10 -2.09 -10.16
N LYS D 24 -16.18 -2.09 -10.94
CA LYS D 24 -16.05 -2.12 -12.40
C LYS D 24 -15.40 -0.83 -12.90
N GLU D 25 -15.81 0.30 -12.34
CA GLU D 25 -15.21 1.59 -12.68
C GLU D 25 -13.73 1.60 -12.32
N SER D 26 -13.39 0.98 -11.20
CA SER D 26 -12.00 0.90 -10.76
C SER D 26 -11.18 0.03 -11.70
N LEU D 27 -11.73 -1.12 -12.06
CA LEU D 27 -11.07 -2.01 -13.02
C LEU D 27 -10.73 -1.29 -14.32
N GLU D 28 -11.69 -0.52 -14.83
CA GLU D 28 -11.50 0.23 -16.08
C GLU D 28 -10.44 1.34 -15.94
N LEU D 29 -10.37 1.94 -14.76
CA LEU D 29 -9.31 2.91 -14.51
C LEU D 29 -7.94 2.22 -14.53
N MET D 30 -7.84 1.05 -13.91
CA MET D 30 -6.57 0.34 -13.86
C MET D 30 -6.11 -0.09 -15.25
N GLU D 31 -7.08 -0.43 -16.09
CA GLU D 31 -6.78 -0.98 -17.42
C GLU D 31 -6.37 0.07 -18.44
N LEU D 32 -6.51 1.34 -18.08
CA LEU D 32 -6.10 2.42 -18.99
C LEU D 32 -4.59 2.42 -19.21
N ASP E 5 -9.42 -23.42 11.31
CA ASP E 5 -8.52 -24.23 10.49
C ASP E 5 -7.61 -23.39 9.61
N THR E 6 -6.40 -23.87 9.38
CA THR E 6 -5.42 -23.13 8.59
C THR E 6 -5.23 -23.73 7.20
N TYR E 7 -5.40 -22.90 6.17
CA TYR E 7 -5.24 -23.32 4.79
C TYR E 7 -4.02 -22.67 4.16
N TYR E 8 -3.58 -23.23 3.03
CA TYR E 8 -2.42 -22.71 2.32
C TYR E 8 -2.77 -22.40 0.89
N LEU E 9 -2.61 -21.14 0.53
CA LEU E 9 -2.93 -20.67 -0.81
C LEU E 9 -1.66 -20.59 -1.61
N GLN E 10 -1.61 -21.30 -2.73
CA GLN E 10 -0.44 -21.23 -3.60
C GLN E 10 -0.56 -19.96 -4.42
N VAL E 11 0.54 -19.21 -4.52
CA VAL E 11 0.53 -17.99 -5.30
C VAL E 11 1.74 -17.99 -6.22
N ARG E 12 1.51 -17.74 -7.50
CA ARG E 12 2.62 -17.59 -8.44
C ARG E 12 2.92 -16.10 -8.61
N GLY E 13 4.18 -15.73 -8.46
CA GLY E 13 4.56 -14.34 -8.62
C GLY E 13 4.75 -13.65 -7.27
N ARG E 14 5.87 -12.95 -7.12
CA ARG E 14 6.21 -12.26 -5.89
C ARG E 14 5.21 -11.13 -5.60
N GLU E 15 4.89 -10.35 -6.63
CA GLU E 15 3.94 -9.25 -6.48
C GLU E 15 2.54 -9.74 -6.09
N ASN E 16 2.08 -10.82 -6.72
CA ASN E 16 0.78 -11.38 -6.33
C ASN E 16 0.79 -11.90 -4.90
N PHE E 17 1.90 -12.51 -4.49
CA PHE E 17 2.01 -12.96 -3.10
C PHE E 17 1.87 -11.77 -2.13
N GLU E 18 2.55 -10.67 -2.44
CA GLU E 18 2.53 -9.50 -1.57
C GLU E 18 1.14 -8.85 -1.54
N ILE E 19 0.48 -8.81 -2.69
CA ILE E 19 -0.86 -8.23 -2.77
C ILE E 19 -1.86 -9.06 -1.98
N LEU E 20 -1.80 -10.39 -2.14
CA LEU E 20 -2.70 -11.28 -1.41
C LEU E 20 -2.47 -11.23 0.10
N MET E 21 -1.23 -11.03 0.53
CA MET E 21 -0.99 -10.85 1.95
C MET E 21 -1.68 -9.56 2.46
N LYS E 22 -1.55 -8.49 1.71
CA LYS E 22 -2.21 -7.23 2.05
C LYS E 22 -3.73 -7.37 2.01
N LEU E 23 -4.24 -8.15 1.04
CA LEU E 23 -5.67 -8.36 0.94
C LEU E 23 -6.18 -9.18 2.10
N LYS E 24 -5.39 -10.17 2.50
CA LYS E 24 -5.75 -11.01 3.66
C LYS E 24 -5.80 -10.18 4.93
N GLU E 25 -4.80 -9.30 5.09
CA GLU E 25 -4.73 -8.43 6.28
C GLU E 25 -5.93 -7.49 6.28
N SER E 26 -6.28 -7.01 5.09
CA SER E 26 -7.45 -6.14 4.94
C SER E 26 -8.74 -6.87 5.33
N LEU E 27 -8.90 -8.12 4.89
CA LEU E 27 -10.06 -8.93 5.29
C LEU E 27 -10.16 -9.09 6.80
N GLU E 28 -9.03 -9.37 7.43
CA GLU E 28 -8.98 -9.56 8.86
C GLU E 28 -9.34 -8.25 9.60
N LEU E 29 -8.91 -7.10 9.07
CA LEU E 29 -9.31 -5.81 9.66
C LEU E 29 -10.81 -5.59 9.52
N MET E 30 -11.35 -5.88 8.33
CA MET E 30 -12.79 -5.77 8.08
C MET E 30 -13.58 -6.62 9.06
N GLU E 31 -13.04 -7.78 9.42
CA GLU E 31 -13.74 -8.73 10.26
C GLU E 31 -13.64 -8.44 11.76
N LEU E 32 -12.79 -7.48 12.14
CA LEU E 32 -12.62 -7.14 13.55
C LEU E 32 -13.96 -6.80 14.20
N GLU F 4 10.14 -21.90 -9.08
CA GLU F 4 10.85 -21.18 -8.02
C GLU F 4 10.31 -19.75 -7.87
N ASP F 5 9.14 -19.49 -8.43
CA ASP F 5 8.42 -18.24 -8.20
C ASP F 5 7.06 -18.59 -7.60
N THR F 6 7.04 -19.67 -6.82
CA THR F 6 5.83 -20.13 -6.17
C THR F 6 5.89 -19.80 -4.69
N TYR F 7 4.79 -19.25 -4.17
CA TYR F 7 4.71 -18.81 -2.78
C TYR F 7 3.50 -19.45 -2.11
N TYR F 8 3.57 -19.59 -0.79
CA TYR F 8 2.45 -20.18 -0.06
C TYR F 8 2.02 -19.26 1.05
N LEU F 9 0.78 -18.80 0.96
CA LEU F 9 0.28 -17.90 1.97
C LEU F 9 -0.61 -18.67 2.94
N GLN F 10 -0.25 -18.65 4.22
CA GLN F 10 -1.09 -19.30 5.22
C GLN F 10 -2.31 -18.42 5.46
N VAL F 11 -3.49 -19.03 5.56
CA VAL F 11 -4.72 -18.29 5.80
C VAL F 11 -5.55 -19.03 6.84
N ARG F 12 -5.88 -18.35 7.92
CA ARG F 12 -6.73 -18.93 8.97
C ARG F 12 -8.20 -18.75 8.60
N GLY F 13 -8.96 -19.84 8.68
CA GLY F 13 -10.40 -19.79 8.44
C GLY F 13 -10.82 -20.13 7.03
N ARG F 14 -11.85 -20.95 6.90
CA ARG F 14 -12.37 -21.32 5.59
C ARG F 14 -12.94 -20.11 4.85
N GLU F 15 -13.60 -19.20 5.57
CA GLU F 15 -14.19 -18.02 4.90
C GLU F 15 -13.14 -17.20 4.16
N ASN F 16 -12.07 -16.83 4.86
CA ASN F 16 -11.02 -16.03 4.25
C ASN F 16 -10.28 -16.78 3.15
N PHE F 17 -10.12 -18.08 3.36
CA PHE F 17 -9.48 -18.92 2.35
C PHE F 17 -10.25 -18.85 1.03
N GLU F 18 -11.57 -18.97 1.09
CA GLU F 18 -12.40 -18.98 -0.12
C GLU F 18 -12.40 -17.61 -0.82
N ILE F 19 -12.46 -16.55 -0.02
CA ILE F 19 -12.38 -15.19 -0.55
C ILE F 19 -11.05 -14.97 -1.25
N LEU F 20 -9.98 -15.36 -0.58
CA LEU F 20 -8.65 -15.11 -1.12
C LEU F 20 -8.42 -15.90 -2.40
N MET F 21 -9.06 -17.06 -2.51
CA MET F 21 -8.96 -17.84 -3.72
C MET F 21 -9.62 -17.09 -4.88
N LYS F 22 -10.81 -16.51 -4.62
CA LYS F 22 -11.49 -15.65 -5.59
C LYS F 22 -10.65 -14.43 -5.97
N LEU F 23 -10.09 -13.77 -4.96
CA LEU F 23 -9.27 -12.58 -5.22
C LEU F 23 -8.03 -12.94 -6.00
N LYS F 24 -7.43 -14.08 -5.67
CA LYS F 24 -6.27 -14.58 -6.42
C LYS F 24 -6.62 -14.78 -7.89
N GLU F 25 -7.76 -15.43 -8.12
CA GLU F 25 -8.22 -15.65 -9.49
C GLU F 25 -8.49 -14.34 -10.23
N SER F 26 -9.04 -13.35 -9.51
CA SER F 26 -9.29 -12.05 -10.14
C SER F 26 -8.00 -11.39 -10.58
N LEU F 27 -7.00 -11.43 -9.69
CA LEU F 27 -5.68 -10.86 -9.97
C LEU F 27 -5.04 -11.46 -11.22
N GLU F 28 -5.13 -12.77 -11.35
CA GLU F 28 -4.54 -13.45 -12.50
C GLU F 28 -5.26 -13.08 -13.80
N LEU F 29 -6.58 -13.00 -13.76
CA LEU F 29 -7.35 -12.56 -14.92
C LEU F 29 -6.96 -11.12 -15.28
N MET F 30 -6.83 -10.27 -14.27
CA MET F 30 -6.46 -8.87 -14.47
C MET F 30 -5.11 -8.72 -15.16
N GLU F 31 -4.20 -9.65 -14.90
CA GLU F 31 -2.84 -9.57 -15.42
C GLU F 31 -2.72 -10.34 -16.72
N LEU F 32 -3.69 -10.95 -17.17
N ASP G 5 -36.48 24.02 -36.47
CA ASP G 5 -37.42 25.08 -36.09
C ASP G 5 -36.97 25.75 -34.80
N THR G 6 -37.21 27.06 -34.69
CA THR G 6 -36.71 27.85 -33.56
C THR G 6 -37.78 28.11 -32.49
N TYR G 7 -37.42 27.85 -31.24
CA TYR G 7 -38.36 28.05 -30.13
C TYR G 7 -37.83 29.08 -29.13
N TYR G 8 -38.74 29.69 -28.38
CA TYR G 8 -38.34 30.64 -27.34
C TYR G 8 -38.77 30.14 -25.96
N LEU G 9 -37.77 29.98 -25.09
CA LEU G 9 -38.01 29.52 -23.73
C LEU G 9 -37.99 30.70 -22.77
N GLN G 10 -39.11 30.93 -22.08
CA GLN G 10 -39.21 32.01 -21.11
C GLN G 10 -38.38 31.66 -19.88
N VAL G 11 -37.48 32.56 -19.49
CA VAL G 11 -36.64 32.37 -18.32
C VAL G 11 -36.68 33.61 -17.43
N ARG G 12 -36.96 33.40 -16.15
CA ARG G 12 -36.93 34.49 -15.18
C ARG G 12 -35.56 34.57 -14.49
N GLY G 13 -34.93 35.74 -14.56
CA GLY G 13 -33.61 35.95 -13.99
C GLY G 13 -32.50 35.77 -15.00
N ARG G 14 -31.64 36.78 -15.14
CA ARG G 14 -30.57 36.69 -16.13
C ARG G 14 -29.51 35.65 -15.77
N GLU G 15 -29.31 35.41 -14.48
CA GLU G 15 -28.38 34.37 -14.04
C GLU G 15 -28.84 33.01 -14.54
N ASN G 16 -30.11 32.67 -14.29
CA ASN G 16 -30.64 31.40 -14.77
C ASN G 16 -30.58 31.31 -16.30
N PHE G 17 -30.79 32.44 -16.97
CA PHE G 17 -30.67 32.49 -18.42
C PHE G 17 -29.28 32.02 -18.85
N GLU G 18 -28.24 32.55 -18.21
CA GLU G 18 -26.87 32.20 -18.59
C GLU G 18 -26.57 30.73 -18.26
N ILE G 19 -27.08 30.26 -17.13
CA ILE G 19 -26.92 28.85 -16.80
C ILE G 19 -27.56 27.96 -17.88
N LEU G 20 -28.80 28.28 -18.27
CA LEU G 20 -29.48 27.50 -19.30
C LEU G 20 -28.76 27.58 -20.63
N MET G 21 -28.12 28.70 -20.92
CA MET G 21 -27.38 28.78 -22.18
C MET G 21 -26.19 27.81 -22.14
N LYS G 22 -25.50 27.76 -21.01
CA LYS G 22 -24.39 26.81 -20.83
C LYS G 22 -24.87 25.38 -20.91
N LEU G 23 -25.99 25.07 -20.25
CA LEU G 23 -26.58 23.73 -20.37
C LEU G 23 -26.99 23.40 -21.81
N LYS G 24 -27.46 24.41 -22.54
CA LYS G 24 -27.81 24.19 -23.95
C LYS G 24 -26.58 23.83 -24.79
N GLU G 25 -25.45 24.49 -24.50
CA GLU G 25 -24.17 24.17 -25.13
C GLU G 25 -23.84 22.70 -24.94
N SER G 26 -23.95 22.23 -23.70
CA SER G 26 -23.71 20.82 -23.38
C SER G 26 -24.63 19.91 -24.19
N LEU G 27 -25.92 20.23 -24.17
CA LEU G 27 -26.91 19.38 -24.83
C LEU G 27 -26.61 19.23 -26.32
N GLU G 28 -26.24 20.33 -26.96
CA GLU G 28 -25.97 20.29 -28.39
C GLU G 28 -24.74 19.45 -28.71
N LEU G 29 -23.74 19.51 -27.85
CA LEU G 29 -22.55 18.68 -28.01
C LEU G 29 -22.86 17.20 -27.80
N MET G 30 -23.68 16.88 -26.82
CA MET G 30 -24.00 15.48 -26.53
C MET G 30 -24.74 14.88 -27.72
N GLU G 31 -25.45 15.71 -28.45
CA GLU G 31 -26.32 15.25 -29.53
C GLU G 31 -25.62 15.05 -30.87
N LEU G 32 -24.42 15.61 -31.00
CA LEU G 32 -23.60 15.36 -32.19
C LEU G 32 -23.10 13.93 -32.23
N ASP H 5 -36.62 39.70 -13.66
CA ASP H 5 -36.87 40.11 -15.03
C ASP H 5 -36.96 38.90 -15.96
N THR H 6 -37.63 39.09 -17.09
CA THR H 6 -37.99 37.98 -17.95
C THR H 6 -37.22 38.03 -19.26
N TYR H 7 -36.64 36.89 -19.63
CA TYR H 7 -35.88 36.79 -20.87
C TYR H 7 -36.35 35.61 -21.68
N TYR H 8 -36.00 35.61 -22.96
CA TYR H 8 -36.40 34.53 -23.85
C TYR H 8 -35.18 33.89 -24.51
N LEU H 9 -34.93 32.64 -24.15
CA LEU H 9 -33.78 31.91 -24.69
C LEU H 9 -34.16 31.26 -26.01
N GLN H 10 -33.42 31.59 -27.06
CA GLN H 10 -33.67 31.00 -28.36
C GLN H 10 -33.10 29.59 -28.40
N VAL H 11 -33.94 28.61 -28.77
CA VAL H 11 -33.51 27.22 -28.83
C VAL H 11 -33.83 26.57 -30.16
N ARG H 12 -32.80 26.06 -30.83
CA ARG H 12 -33.03 25.30 -32.06
C ARG H 12 -33.48 23.89 -31.73
N GLY H 13 -34.67 23.53 -32.17
CA GLY H 13 -35.18 22.18 -32.02
C GLY H 13 -36.15 21.98 -30.88
N ARG H 14 -37.25 21.29 -31.17
CA ARG H 14 -38.27 20.96 -30.18
C ARG H 14 -37.72 20.09 -29.04
N GLU H 15 -36.72 19.27 -29.35
CA GLU H 15 -36.13 18.35 -28.38
C GLU H 15 -35.50 19.13 -27.24
N ASN H 16 -34.56 20.00 -27.59
CA ASN H 16 -33.84 20.80 -26.62
C ASN H 16 -34.76 21.80 -25.91
N PHE H 17 -35.83 22.23 -26.59
CA PHE H 17 -36.79 23.13 -25.96
C PHE H 17 -37.44 22.46 -24.77
N GLU H 18 -37.91 21.23 -24.95
CA GLU H 18 -38.58 20.50 -23.88
C GLU H 18 -37.63 20.09 -22.77
N ILE H 19 -36.40 19.72 -23.15
CA ILE H 19 -35.40 19.37 -22.15
C ILE H 19 -35.04 20.60 -21.31
N LEU H 20 -34.72 21.70 -21.97
CA LEU H 20 -34.31 22.91 -21.28
C LEU H 20 -35.44 23.45 -20.40
N MET H 21 -36.68 23.21 -20.82
CA MET H 21 -37.83 23.51 -19.98
C MET H 21 -37.75 22.73 -18.65
N LYS H 22 -37.40 21.44 -18.74
CA LYS H 22 -37.24 20.61 -17.54
C LYS H 22 -36.04 21.04 -16.70
N LEU H 23 -34.96 21.41 -17.38
CA LEU H 23 -33.76 21.90 -16.69
C LEU H 23 -34.04 23.23 -15.97
N LYS H 24 -34.79 24.12 -16.62
CA LYS H 24 -35.14 25.36 -15.97
C LYS H 24 -35.92 25.10 -14.68
N GLU H 25 -36.88 24.18 -14.76
CA GLU H 25 -37.71 23.87 -13.60
C GLU H 25 -36.86 23.31 -12.46
N SER H 26 -35.92 22.44 -12.83
CA SER H 26 -34.97 21.90 -11.87
C SER H 26 -34.12 22.97 -11.21
N LEU H 27 -33.63 23.92 -11.99
CA LEU H 27 -32.87 25.04 -11.44
C LEU H 27 -33.69 25.79 -10.40
N GLU H 28 -34.92 26.12 -10.78
CA GLU H 28 -35.83 26.84 -9.90
C GLU H 28 -36.12 26.06 -8.63
N LEU H 29 -36.16 24.74 -8.74
CA LEU H 29 -36.38 23.90 -7.55
C LEU H 29 -35.20 23.97 -6.58
N MET H 30 -33.99 23.99 -7.12
CA MET H 30 -32.79 24.04 -6.30
C MET H 30 -32.64 25.39 -5.60
N GLU H 31 -33.16 26.43 -6.25
CA GLU H 31 -32.97 27.79 -5.80
C GLU H 31 -34.00 28.21 -4.75
N LEU H 32 -35.12 27.48 -4.70
CA LEU H 32 -36.17 27.77 -3.73
C LEU H 32 -35.66 27.74 -2.29
N ASP I 5 -6.23 21.89 -4.27
CA ASP I 5 -7.58 22.31 -4.66
C ASP I 5 -7.82 22.14 -6.16
N THR I 6 -6.80 21.71 -6.89
CA THR I 6 -6.94 21.49 -8.32
C THR I 6 -6.89 19.99 -8.62
N TYR I 7 -7.85 19.51 -9.41
CA TYR I 7 -7.91 18.11 -9.75
C TYR I 7 -7.92 17.93 -11.25
N TYR I 8 -7.56 16.74 -11.71
CA TYR I 8 -7.53 16.47 -13.13
C TYR I 8 -8.29 15.21 -13.44
N LEU I 9 -9.26 15.34 -14.34
CA LEU I 9 -10.09 14.22 -14.72
C LEU I 9 -9.69 13.76 -16.12
N GLN I 10 -9.11 12.57 -16.22
CA GLN I 10 -8.77 12.04 -17.53
C GLN I 10 -10.06 11.70 -18.26
N VAL I 11 -10.13 12.09 -19.51
CA VAL I 11 -11.31 11.84 -20.31
C VAL I 11 -10.90 11.23 -21.63
N ARG I 12 -11.56 10.15 -22.02
CA ARG I 12 -11.32 9.50 -23.30
C ARG I 12 -12.19 10.12 -24.37
N GLY I 13 -11.53 10.75 -25.34
CA GLY I 13 -12.24 11.32 -26.47
C GLY I 13 -12.43 12.81 -26.31
N ARG I 14 -12.18 13.54 -27.40
CA ARG I 14 -12.30 14.99 -27.38
C ARG I 14 -13.74 15.40 -27.20
N GLU I 15 -14.66 14.61 -27.73
CA GLU I 15 -16.08 14.91 -27.67
C GLU I 15 -16.59 14.98 -26.22
N ASN I 16 -16.29 13.96 -25.43
CA ASN I 16 -16.66 13.99 -24.01
C ASN I 16 -15.87 15.04 -23.24
N PHE I 17 -14.63 15.26 -23.64
CA PHE I 17 -13.84 16.29 -22.99
C PHE I 17 -14.59 17.63 -23.09
N GLU I 18 -15.06 17.94 -24.30
CA GLU I 18 -15.72 19.23 -24.53
C GLU I 18 -17.07 19.30 -23.82
N ILE I 19 -17.78 18.17 -23.79
CA ILE I 19 -19.05 18.14 -23.09
C ILE I 19 -18.83 18.43 -21.61
N LEU I 20 -17.86 17.74 -21.02
CA LEU I 20 -17.61 17.85 -19.59
C LEU I 20 -17.11 19.22 -19.22
N MET I 21 -16.35 19.84 -20.12
CA MET I 21 -15.94 21.21 -19.85
C MET I 21 -17.13 22.14 -19.68
N LYS I 22 -18.12 22.02 -20.56
CA LYS I 22 -19.29 22.88 -20.47
C LYS I 22 -20.15 22.51 -19.25
N LEU I 23 -20.19 21.23 -18.92
CA LEU I 23 -20.97 20.80 -17.76
C LEU I 23 -20.34 21.33 -16.48
N LYS I 24 -19.01 21.32 -16.42
CA LYS I 24 -18.31 21.89 -15.28
C LYS I 24 -18.68 23.36 -15.10
N GLU I 25 -18.70 24.11 -16.19
CA GLU I 25 -18.99 25.54 -16.13
C GLU I 25 -20.43 25.76 -15.68
N SER I 26 -21.36 24.94 -16.18
CA SER I 26 -22.75 24.95 -15.67
C SER I 26 -22.82 24.75 -14.16
N LEU I 27 -22.09 23.75 -13.67
CA LEU I 27 -22.03 23.49 -12.23
C LEU I 27 -21.52 24.69 -11.49
N GLU I 28 -20.45 25.27 -11.99
CA GLU I 28 -19.86 26.41 -11.31
C GLU I 28 -20.84 27.58 -11.27
N LEU I 29 -21.53 27.85 -12.37
CA LEU I 29 -22.51 28.95 -12.38
C LEU I 29 -23.64 28.68 -11.38
N MET I 30 -24.15 27.46 -11.39
CA MET I 30 -25.21 27.07 -10.44
C MET I 30 -24.77 27.24 -9.01
N GLU I 31 -23.54 26.85 -8.72
CA GLU I 31 -23.02 26.96 -7.36
C GLU I 31 -22.81 28.41 -6.92
N LEU I 32 -22.69 29.33 -7.89
CA LEU I 32 -22.46 30.74 -7.58
C LEU I 32 -23.74 31.56 -7.41
N VAL I 33 -24.87 30.97 -7.76
CA VAL I 33 -26.13 31.68 -7.61
C VAL I 33 -26.35 32.14 -6.18
N PRO I 34 -26.57 33.33 -5.92
N ASP J 5 -8.21 9.78 -28.47
CA ASP J 5 -7.29 10.70 -27.79
C ASP J 5 -7.67 10.92 -26.32
N THR J 6 -6.68 10.85 -25.43
CA THR J 6 -6.91 11.05 -24.01
C THR J 6 -6.69 12.51 -23.60
N TYR J 7 -7.70 13.10 -22.97
CA TYR J 7 -7.61 14.48 -22.48
C TYR J 7 -7.68 14.56 -20.96
N TYR J 8 -7.18 15.66 -20.41
CA TYR J 8 -7.26 15.87 -18.97
C TYR J 8 -8.03 17.15 -18.67
N LEU J 9 -9.18 17.01 -18.03
CA LEU J 9 -10.03 18.14 -17.66
C LEU J 9 -9.65 18.67 -16.28
N GLN J 10 -9.18 19.91 -16.26
CA GLN J 10 -8.83 20.60 -15.03
C GLN J 10 -10.11 20.95 -14.29
N VAL J 11 -10.12 20.78 -12.98
CA VAL J 11 -11.31 21.01 -12.17
C VAL J 11 -10.91 21.62 -10.85
N ARG J 12 -11.50 22.78 -10.52
CA ARG J 12 -11.23 23.35 -9.19
C ARG J 12 -12.22 22.82 -8.15
N GLY J 13 -11.69 22.19 -7.10
CA GLY J 13 -12.50 21.73 -5.98
C GLY J 13 -12.80 20.24 -6.01
N ARG J 14 -12.73 19.62 -4.84
CA ARG J 14 -12.97 18.19 -4.69
C ARG J 14 -14.41 17.84 -5.05
N GLU J 15 -15.35 18.66 -4.59
CA GLU J 15 -16.78 18.47 -4.85
C GLU J 15 -17.06 18.35 -6.36
N ASN J 16 -16.62 19.33 -7.14
CA ASN J 16 -16.88 19.31 -8.56
C ASN J 16 -16.10 18.21 -9.28
N PHE J 17 -14.92 17.87 -8.77
CA PHE J 17 -14.18 16.75 -9.34
C PHE J 17 -15.02 15.46 -9.26
N GLU J 18 -15.60 15.24 -8.10
CA GLU J 18 -16.43 14.05 -7.88
C GLU J 18 -17.68 14.08 -8.75
N ILE J 19 -18.32 15.25 -8.85
CA ILE J 19 -19.50 15.38 -9.69
C ILE J 19 -19.15 15.09 -11.15
N LEU J 20 -18.07 15.69 -11.65
CA LEU J 20 -17.71 15.50 -13.05
C LEU J 20 -17.33 14.04 -13.36
N MET J 21 -16.76 13.36 -12.39
CA MET J 21 -16.51 11.93 -12.52
C MET J 21 -17.82 11.20 -12.77
N LYS J 22 -18.84 11.52 -11.98
CA LYS J 22 -20.16 10.92 -12.13
C LYS J 22 -20.82 11.30 -13.45
N LEU J 23 -20.63 12.55 -13.88
CA LEU J 23 -21.17 12.98 -15.17
C LEU J 23 -20.46 12.28 -16.32
N LYS J 24 -19.14 12.12 -16.21
CA LYS J 24 -18.38 11.39 -17.21
C LYS J 24 -18.87 9.94 -17.30
N GLU J 25 -19.10 9.33 -16.14
CA GLU J 25 -19.59 7.96 -16.09
C GLU J 25 -20.98 7.86 -16.75
N SER J 26 -21.81 8.88 -16.50
CA SER J 26 -23.15 8.92 -17.07
C SER J 26 -23.14 9.06 -18.60
N LEU J 27 -22.27 9.93 -19.12
CA LEU J 27 -22.08 10.06 -20.56
C LEU J 27 -21.70 8.72 -21.18
N GLU J 28 -20.74 8.03 -20.57
CA GLU J 28 -20.29 6.77 -21.11
C GLU J 28 -21.38 5.69 -21.11
N LEU J 29 -22.26 5.72 -20.12
CA LEU J 29 -23.42 4.84 -20.10
C LEU J 29 -24.41 5.15 -21.25
N MET J 30 -24.47 6.40 -21.68
CA MET J 30 -25.38 6.79 -22.77
C MET J 30 -24.80 6.48 -24.14
N GLU J 31 -23.49 6.45 -24.24
CA GLU J 31 -22.84 6.37 -25.54
C GLU J 31 -22.58 4.93 -25.98
N LEU J 32 -22.54 4.02 -25.15
N ASP K 3 -41.04 -6.76 -15.55
CA ASP K 3 -40.60 -5.79 -14.55
C ASP K 3 -39.17 -6.06 -14.11
N GLU K 4 -38.55 -7.05 -14.74
CA GLU K 4 -37.18 -7.44 -14.41
C GLU K 4 -36.16 -6.32 -14.66
N ASP K 5 -36.52 -5.37 -15.50
CA ASP K 5 -35.62 -4.25 -15.82
C ASP K 5 -36.24 -2.94 -15.33
N THR K 6 -37.06 -3.01 -14.28
CA THR K 6 -37.65 -1.81 -13.68
C THR K 6 -37.13 -1.63 -12.26
N TYR K 7 -36.67 -0.43 -11.94
CA TYR K 7 -35.97 -0.19 -10.67
C TYR K 7 -36.59 0.98 -9.89
N TYR K 8 -36.29 1.04 -8.61
CA TYR K 8 -36.75 2.15 -7.77
C TYR K 8 -35.55 2.82 -7.14
N LEU K 9 -35.32 4.06 -7.53
CA LEU K 9 -34.22 4.84 -7.02
C LEU K 9 -34.63 5.40 -5.69
N GLN K 10 -33.85 5.13 -4.66
CA GLN K 10 -34.11 5.65 -3.33
C GLN K 10 -33.56 7.08 -3.21
N VAL K 11 -34.45 8.05 -2.93
CA VAL K 11 -34.08 9.47 -2.91
C VAL K 11 -34.39 10.15 -1.58
N ARG K 12 -33.36 10.65 -0.90
CA ARG K 12 -33.56 11.39 0.36
C ARG K 12 -33.98 12.83 0.12
N GLY K 13 -35.19 13.17 0.55
CA GLY K 13 -35.67 14.54 0.54
C GLY K 13 -36.49 14.87 -0.68
N ARG K 14 -37.50 15.72 -0.51
CA ARG K 14 -38.45 16.04 -1.57
C ARG K 14 -37.89 16.92 -2.69
N GLU K 15 -36.95 17.80 -2.36
CA GLU K 15 -36.33 18.64 -3.38
C GLU K 15 -35.67 17.78 -4.47
N ASN K 16 -34.79 16.89 -4.04
CA ASN K 16 -34.03 16.08 -4.97
C ASN K 16 -34.93 15.13 -5.72
N PHE K 17 -35.99 14.67 -5.06
CA PHE K 17 -36.92 13.78 -5.72
C PHE K 17 -37.58 14.46 -6.89
N GLU K 18 -37.97 15.71 -6.70
CA GLU K 18 -38.64 16.44 -7.79
C GLU K 18 -37.66 16.83 -8.91
N ILE K 19 -36.42 17.14 -8.54
CA ILE K 19 -35.40 17.41 -9.56
C ILE K 19 -35.16 16.14 -10.42
N LEU K 20 -35.00 15.02 -9.74
CA LEU K 20 -34.70 13.77 -10.44
C LEU K 20 -35.80 13.32 -11.41
N MET K 21 -37.06 13.64 -11.10
CA MET K 21 -38.15 13.35 -12.02
C MET K 21 -38.01 14.17 -13.31
N LYS K 22 -37.64 15.44 -13.19
CA LYS K 22 -37.38 16.28 -14.34
C LYS K 22 -36.19 15.75 -15.14
N LEU K 23 -35.14 15.37 -14.44
CA LEU K 23 -33.95 14.84 -15.09
C LEU K 23 -34.24 13.51 -15.77
N LYS K 24 -35.06 12.67 -15.13
CA LYS K 24 -35.45 11.43 -15.76
C LYS K 24 -36.16 11.68 -17.09
N GLU K 25 -37.11 12.60 -17.09
CA GLU K 25 -37.85 12.93 -18.30
C GLU K 25 -36.93 13.51 -19.37
N SER K 26 -35.97 14.32 -18.92
CA SER K 26 -34.96 14.84 -19.83
C SER K 26 -34.18 13.71 -20.47
N LEU K 27 -33.73 12.75 -19.66
CA LEU K 27 -32.98 11.62 -20.20
C LEU K 27 -33.79 10.88 -21.26
N GLU K 28 -35.04 10.62 -20.93
CA GLU K 28 -35.91 9.90 -21.85
C GLU K 28 -36.12 10.68 -23.16
N LEU K 29 -36.22 12.01 -23.06
CA LEU K 29 -36.32 12.82 -24.27
C LEU K 29 -35.07 12.72 -25.15
N MET K 30 -33.90 12.69 -24.53
CA MET K 30 -32.66 12.58 -25.30
C MET K 30 -32.50 11.23 -25.98
N GLU K 31 -33.17 10.22 -25.45
CA GLU K 31 -32.96 8.84 -25.91
C GLU K 31 -33.95 8.41 -26.99
N LEU K 32 -34.94 9.25 -27.27
CA LEU K 32 -35.95 8.95 -28.28
C LEU K 32 -35.37 9.03 -29.69
N THR L 6 -37.79 9.87 2.75
CA THR L 6 -37.28 9.07 1.63
C THR L 6 -38.33 8.89 0.55
N TYR L 7 -37.95 9.15 -0.70
CA TYR L 7 -38.85 8.99 -1.84
C TYR L 7 -38.34 7.89 -2.79
N TYR L 8 -39.21 7.44 -3.69
CA TYR L 8 -38.88 6.36 -4.61
C TYR L 8 -39.26 6.72 -6.03
N LEU L 9 -38.24 6.81 -6.88
CA LEU L 9 -38.44 7.16 -8.28
C LEU L 9 -38.37 5.88 -9.12
N GLN L 10 -39.47 5.53 -9.79
CA GLN L 10 -39.47 4.37 -10.66
C GLN L 10 -38.65 4.66 -11.92
N VAL L 11 -37.75 3.76 -12.27
CA VAL L 11 -36.98 3.92 -13.50
C VAL L 11 -37.00 2.64 -14.34
N ARG L 12 -37.52 2.74 -15.54
CA ARG L 12 -37.48 1.63 -16.48
C ARG L 12 -36.15 1.68 -17.25
N GLY L 13 -35.36 0.62 -17.14
CA GLY L 13 -34.11 0.50 -17.89
C GLY L 13 -32.89 0.63 -16.99
N ARG L 14 -32.03 -0.37 -17.00
CA ARG L 14 -30.86 -0.31 -16.14
C ARG L 14 -29.94 0.88 -16.48
N GLU L 15 -29.90 1.28 -17.74
CA GLU L 15 -29.07 2.44 -18.15
C GLU L 15 -29.50 3.70 -17.42
N ASN L 16 -30.78 4.05 -17.53
CA ASN L 16 -31.26 5.27 -16.89
C ASN L 16 -31.26 5.19 -15.36
N PHE L 17 -31.49 3.99 -14.82
CA PHE L 17 -31.32 3.78 -13.38
C PHE L 17 -29.92 4.20 -12.91
N GLU L 18 -28.87 3.69 -13.56
CA GLU L 18 -27.51 4.03 -13.13
C GLU L 18 -27.18 5.51 -13.28
N ILE L 19 -27.65 6.12 -14.36
CA ILE L 19 -27.39 7.54 -14.62
C ILE L 19 -28.11 8.38 -13.58
N LEU L 20 -29.38 8.05 -13.31
CA LEU L 20 -30.15 8.79 -12.31
C LEU L 20 -29.57 8.61 -10.91
N MET L 21 -28.95 7.46 -10.65
CA MET L 21 -28.23 7.28 -9.41
C MET L 21 -27.06 8.26 -9.28
N LYS L 22 -26.32 8.41 -10.37
CA LYS L 22 -25.14 9.28 -10.40
C LYS L 22 -25.56 10.74 -10.30
N LEU L 23 -26.68 11.08 -10.95
CA LEU L 23 -27.23 12.43 -10.89
C LEU L 23 -27.70 12.75 -9.48
N LYS L 24 -28.25 11.75 -8.78
CA LYS L 24 -28.70 11.94 -7.41
C LYS L 24 -27.49 12.19 -6.51
N GLU L 25 -26.49 11.33 -6.64
CA GLU L 25 -25.27 11.48 -5.87
C GLU L 25 -24.64 12.86 -6.13
N SER L 26 -24.71 13.28 -7.39
CA SER L 26 -24.19 14.60 -7.79
C SER L 26 -24.95 15.75 -7.11
N LEU L 27 -26.28 15.70 -7.14
CA LEU L 27 -27.10 16.71 -6.45
C LEU L 27 -26.74 16.79 -4.98
N GLU L 28 -26.53 15.64 -4.36
CA GLU L 28 -26.14 15.59 -2.95
C GLU L 28 -24.79 16.29 -2.72
N LEU L 29 -23.82 15.99 -3.58
CA LEU L 29 -22.51 16.61 -3.47
C LEU L 29 -22.59 18.12 -3.58
N MET L 30 -23.46 18.58 -4.48
CA MET L 30 -23.62 20.00 -4.74
C MET L 30 -24.31 20.70 -3.56
N GLU L 31 -25.04 19.92 -2.77
CA GLU L 31 -25.77 20.44 -1.62
C GLU L 31 -25.03 20.26 -0.28
N LEU L 32 -24.01 19.59 -0.16
N ASP M 5 1.30 14.92 13.92
CA ASP M 5 -0.06 14.39 13.78
C ASP M 5 -0.22 13.05 14.50
N THR M 6 -1.24 12.95 15.34
CA THR M 6 -1.33 11.84 16.30
C THR M 6 -2.29 10.71 15.91
N TYR M 7 -1.75 9.50 15.85
CA TYR M 7 -2.51 8.31 15.49
C TYR M 7 -2.61 7.39 16.70
N TYR M 8 -3.66 6.59 16.75
CA TYR M 8 -3.72 5.48 17.70
C TYR M 8 -3.80 4.17 16.93
N LEU M 9 -2.82 3.29 17.15
CA LEU M 9 -2.85 1.96 16.53
C LEU M 9 -3.47 0.94 17.49
N GLN M 10 -4.48 0.23 17.01
CA GLN M 10 -5.13 -0.80 17.81
C GLN M 10 -4.23 -2.02 17.84
N VAL M 11 -4.15 -2.65 19.01
CA VAL M 11 -3.22 -3.76 19.21
C VAL M 11 -3.91 -4.80 20.06
N ARG M 12 -4.00 -6.02 19.54
CA ARG M 12 -4.58 -7.10 20.31
C ARG M 12 -3.56 -7.62 21.31
N GLY M 13 -3.92 -7.57 22.60
CA GLY M 13 -3.10 -8.17 23.63
C GLY M 13 -2.14 -7.21 24.29
N ARG M 14 -2.06 -7.29 25.62
CA ARG M 14 -1.14 -6.46 26.38
C ARG M 14 0.33 -6.73 26.04
N GLU M 15 0.67 -8.01 25.89
CA GLU M 15 2.03 -8.42 25.52
C GLU M 15 2.57 -7.65 24.31
N ASN M 16 1.82 -7.66 23.21
CA ASN M 16 2.24 -6.95 22.02
C ASN M 16 2.23 -5.44 22.21
N PHE M 17 1.25 -4.93 22.94
CA PHE M 17 1.26 -3.50 23.24
C PHE M 17 2.58 -3.09 23.89
N GLU M 18 2.99 -3.85 24.91
CA GLU M 18 4.22 -3.52 25.63
C GLU M 18 5.42 -3.59 24.71
N ILE M 19 5.49 -4.65 23.91
CA ILE M 19 6.60 -4.78 22.96
C ILE M 19 6.63 -3.61 21.99
N LEU M 20 5.48 -3.25 21.42
CA LEU M 20 5.42 -2.16 20.44
C LEU M 20 5.78 -0.80 21.04
N MET M 21 5.50 -0.65 22.33
CA MET M 21 5.87 0.58 23.02
C MET M 21 7.40 0.75 23.00
N LYS M 22 8.14 -0.31 23.35
CA LYS M 22 9.60 -0.28 23.28
C LYS M 22 10.08 -0.06 21.85
N LEU M 23 9.46 -0.75 20.90
CA LEU M 23 9.86 -0.61 19.50
C LEU M 23 9.62 0.81 19.02
N LYS M 24 8.49 1.39 19.45
CA LYS M 24 8.18 2.79 19.15
C LYS M 24 9.25 3.73 19.70
N GLU M 25 9.66 3.51 20.94
CA GLU M 25 10.73 4.32 21.54
C GLU M 25 12.07 4.14 20.82
N SER M 26 12.38 2.91 20.43
CA SER M 26 13.58 2.62 19.64
C SER M 26 13.57 3.41 18.35
N LEU M 27 12.46 3.29 17.64
CA LEU M 27 12.23 3.98 16.36
C LEU M 27 12.45 5.47 16.49
N GLU M 28 11.87 6.07 17.52
CA GLU M 28 12.00 7.52 17.70
C GLU M 28 13.46 7.91 17.97
N LEU M 29 14.20 7.05 18.67
CA LEU M 29 15.62 7.32 18.91
C LEU M 29 16.45 7.18 17.64
N MET M 30 16.21 6.11 16.87
CA MET M 30 16.94 5.92 15.62
C MET M 30 16.69 7.08 14.68
N GLU M 31 15.48 7.65 14.76
CA GLU M 31 15.09 8.74 13.87
C GLU M 31 15.64 10.10 14.30
N LEU M 32 15.91 10.26 15.59
CA LEU M 32 16.46 11.52 16.09
C LEU M 32 17.80 11.85 15.45
N GLU N 4 -6.38 -10.84 26.21
CA GLU N 4 -6.42 -10.46 24.80
C GLU N 4 -7.39 -9.33 24.52
N ASP N 5 -7.38 -8.32 25.38
CA ASP N 5 -8.16 -7.11 25.14
C ASP N 5 -7.44 -6.26 24.11
N THR N 6 -8.17 -5.32 23.51
CA THR N 6 -7.57 -4.40 22.56
C THR N 6 -6.92 -3.25 23.30
N TYR N 7 -5.66 -2.97 22.95
CA TYR N 7 -4.93 -1.83 23.51
C TYR N 7 -4.74 -0.79 22.44
N TYR N 8 -4.55 0.45 22.84
CA TYR N 8 -4.35 1.52 21.87
C TYR N 8 -3.00 2.19 22.05
N LEU N 9 -2.23 2.21 20.96
CA LEU N 9 -0.86 2.71 21.01
C LEU N 9 -0.81 4.04 20.31
N GLN N 10 -0.52 5.09 21.07
CA GLN N 10 -0.36 6.42 20.50
C GLN N 10 0.91 6.52 19.67
N VAL N 11 0.81 7.08 18.48
CA VAL N 11 1.98 7.27 17.65
C VAL N 11 1.90 8.59 16.90
N ARG N 12 3.01 9.32 16.86
CA ARG N 12 3.04 10.55 16.08
C ARG N 12 3.68 10.34 14.71
N GLY N 13 2.94 10.73 13.67
CA GLY N 13 3.47 10.69 12.32
C GLY N 13 3.02 9.45 11.61
N ARG N 14 2.69 9.62 10.33
CA ARG N 14 2.21 8.54 9.48
C ARG N 14 3.32 7.51 9.24
N GLU N 15 4.56 7.96 9.19
CA GLU N 15 5.69 7.07 9.00
C GLU N 15 5.67 6.00 10.09
N ASN N 16 5.79 6.45 11.33
CA ASN N 16 5.89 5.53 12.45
C ASN N 16 4.61 4.73 12.68
N PHE N 17 3.47 5.30 12.30
CA PHE N 17 2.22 4.56 12.37
C PHE N 17 2.31 3.35 11.43
N GLU N 18 2.79 3.59 10.22
CA GLU N 18 2.88 2.52 9.22
C GLU N 18 3.90 1.46 9.65
N ILE N 19 5.05 1.90 10.15
CA ILE N 19 6.09 0.97 10.56
C ILE N 19 5.59 0.09 11.70
N LEU N 20 4.93 0.71 12.68
CA LEU N 20 4.48 -0.02 13.86
C LEU N 20 3.38 -1.00 13.51
N MET N 21 2.56 -0.65 12.53
CA MET N 21 1.61 -1.64 12.01
C MET N 21 2.35 -2.87 11.42
N LYS N 22 3.43 -2.62 10.69
CA LYS N 22 4.21 -3.73 10.10
C LYS N 22 4.94 -4.55 11.18
N LEU N 23 5.42 -3.87 12.22
CA LEU N 23 6.06 -4.57 13.33
C LEU N 23 5.02 -5.40 14.10
N LYS N 24 3.83 -4.86 14.30
CA LYS N 24 2.76 -5.60 14.97
C LYS N 24 2.41 -6.88 14.21
N GLU N 25 2.29 -6.73 12.89
CA GLU N 25 1.95 -7.86 12.03
C GLU N 25 3.05 -8.92 12.10
N SER N 26 4.28 -8.46 12.24
CA SER N 26 5.44 -9.34 12.34
C SER N 26 5.40 -10.12 13.65
N LEU N 27 5.06 -9.43 14.75
CA LEU N 27 4.90 -10.07 16.05
C LEU N 27 3.83 -11.13 15.97
N GLU N 28 2.72 -10.78 15.34
CA GLU N 28 1.59 -11.69 15.22
C GLU N 28 1.99 -12.94 14.41
N LEU N 29 2.82 -12.76 13.38
CA LEU N 29 3.37 -13.91 12.65
C LEU N 29 4.29 -14.79 13.51
N MET N 30 5.10 -14.18 14.37
CA MET N 30 6.02 -14.94 15.21
C MET N 30 5.28 -15.73 16.28
N GLU N 31 4.16 -15.20 16.74
CA GLU N 31 3.41 -15.79 17.84
C GLU N 31 2.42 -16.87 17.42
N LEU N 32 2.33 -17.10 16.12
CA LEU N 32 1.41 -18.12 15.58
C LEU N 32 1.74 -19.51 16.14
N ASP O 5 32.53 7.51 22.89
CA ASP O 5 32.38 7.05 24.26
C ASP O 5 31.84 5.63 24.29
N THR O 6 32.47 4.76 25.06
CA THR O 6 32.13 3.34 25.06
C THR O 6 31.26 2.95 26.24
N TYR O 7 30.19 2.22 25.98
CA TYR O 7 29.27 1.77 27.01
C TYR O 7 29.22 0.25 27.02
N TYR O 8 28.72 -0.32 28.10
CA TYR O 8 28.62 -1.77 28.21
C TYR O 8 27.22 -2.19 28.59
N LEU O 9 26.52 -2.83 27.66
CA LEU O 9 25.15 -3.27 27.91
C LEU O 9 25.15 -4.64 28.56
N GLN O 10 24.58 -4.73 29.75
CA GLN O 10 24.44 -5.99 30.46
C GLN O 10 23.33 -6.81 29.82
N VAL O 11 23.64 -8.04 29.43
CA VAL O 11 22.67 -8.92 28.77
C VAL O 11 22.63 -10.30 29.40
N ARG O 12 21.45 -10.72 29.84
CA ARG O 12 21.28 -12.08 30.36
C ARG O 12 20.97 -13.07 29.24
N GLY O 13 21.80 -14.09 29.08
CA GLY O 13 21.56 -15.14 28.11
C GLY O 13 22.34 -15.01 26.81
N ARG O 14 22.90 -16.12 26.35
CA ARG O 14 23.68 -16.12 25.12
C ARG O 14 22.82 -15.81 23.89
N GLU O 15 21.54 -16.16 23.97
CA GLU O 15 20.60 -15.88 22.89
C GLU O 15 20.50 -14.38 22.62
N ASN O 16 20.06 -13.65 23.64
CA ASN O 16 19.87 -12.21 23.49
C ASN O 16 21.18 -11.48 23.24
N PHE O 17 22.28 -12.02 23.77
CA PHE O 17 23.57 -11.41 23.52
C PHE O 17 23.88 -11.48 22.02
N GLU O 18 23.66 -12.66 21.44
CA GLU O 18 23.92 -12.85 20.02
C GLU O 18 22.97 -12.01 19.15
N ILE O 19 21.69 -11.98 19.52
CA ILE O 19 20.75 -11.15 18.79
C ILE O 19 21.14 -9.68 18.88
N LEU O 20 21.42 -9.21 20.08
CA LEU O 20 21.73 -7.81 20.29
C LEU O 20 22.99 -7.39 19.54
N MET O 21 23.93 -8.32 19.39
CA MET O 21 25.13 -8.04 18.60
C MET O 21 24.74 -7.82 17.14
N LYS O 22 23.82 -8.64 16.64
CA LYS O 22 23.31 -8.49 15.28
C LYS O 22 22.60 -7.16 15.10
N LEU O 23 21.83 -6.77 16.10
CA LEU O 23 21.10 -5.51 16.04
C LEU O 23 22.06 -4.32 16.08
N LYS O 24 23.10 -4.41 16.90
CA LYS O 24 24.09 -3.34 16.97
C LYS O 24 24.77 -3.18 15.61
N GLU O 25 25.09 -4.31 14.99
CA GLU O 25 25.70 -4.29 13.66
C GLU O 25 24.77 -3.63 12.63
N SER O 26 23.48 -3.91 12.73
CA SER O 26 22.50 -3.30 11.84
C SER O 26 22.38 -1.78 12.03
N LEU O 27 22.34 -1.34 13.28
CA LEU O 27 22.29 0.09 13.59
C LEU O 27 23.49 0.81 12.99
N GLU O 28 24.66 0.21 13.16
CA GLU O 28 25.89 0.79 12.64
C GLU O 28 25.89 0.85 11.10
N LEU O 29 25.25 -0.13 10.47
CA LEU O 29 25.11 -0.13 9.02
C LEU O 29 24.18 0.99 8.61
N MET O 30 23.10 1.15 9.37
CA MET O 30 22.06 2.12 9.07
C MET O 30 22.57 3.55 9.24
N GLU O 31 23.68 3.70 9.96
CA GLU O 31 24.22 5.01 10.30
C GLU O 31 25.44 5.38 9.46
N LEU O 32 25.89 4.64 8.59
N ASP P 5 24.17 -17.25 31.96
CA ASP P 5 25.16 -16.35 32.52
C ASP P 5 25.10 -14.94 31.90
N THR P 6 25.50 -13.95 32.68
CA THR P 6 25.41 -12.55 32.27
C THR P 6 26.57 -12.09 31.38
N TYR P 7 26.24 -11.70 30.16
CA TYR P 7 27.22 -11.17 29.21
C TYR P 7 27.23 -9.65 29.22
N TYR P 8 28.20 -9.06 28.55
CA TYR P 8 28.30 -7.61 28.46
C TYR P 8 28.65 -7.20 27.03
N LEU P 9 27.77 -6.41 26.43
CA LEU P 9 27.92 -6.04 25.03
C LEU P 9 28.54 -4.65 24.92
N GLN P 10 29.67 -4.56 24.21
CA GLN P 10 30.34 -3.28 24.04
C GLN P 10 29.62 -2.45 22.96
N VAL P 11 29.31 -1.19 23.31
CA VAL P 11 28.57 -0.32 22.41
C VAL P 11 29.21 1.05 22.31
N ARG P 12 29.57 1.45 21.09
CA ARG P 12 30.12 2.77 20.85
C ARG P 12 28.98 3.79 20.71
N GLY P 13 29.02 4.85 21.51
CA GLY P 13 28.02 5.90 21.46
C GLY P 13 26.80 5.68 22.34
N ARG P 14 26.42 6.72 23.08
CA ARG P 14 25.24 6.67 23.93
C ARG P 14 23.96 6.43 23.10
N GLU P 15 23.89 7.08 21.95
CA GLU P 15 22.72 6.93 21.10
C GLU P 15 22.43 5.46 20.81
N ASN P 16 23.45 4.72 20.38
CA ASN P 16 23.27 3.29 20.15
C ASN P 16 23.01 2.50 21.42
N PHE P 17 23.66 2.88 22.51
CA PHE P 17 23.45 2.20 23.79
C PHE P 17 21.96 2.27 24.21
N GLU P 18 21.38 3.46 24.07
CA GLU P 18 19.98 3.67 24.45
C GLU P 18 19.04 2.89 23.53
N ILE P 19 19.33 2.91 22.23
CA ILE P 19 18.51 2.15 21.30
C ILE P 19 18.55 0.67 21.67
N LEU P 20 19.75 0.13 21.89
CA LEU P 20 19.91 -1.30 22.16
C LEU P 20 19.29 -1.72 23.47
N MET P 21 19.23 -0.80 24.42
CA MET P 21 18.56 -1.05 25.69
C MET P 21 17.07 -1.28 25.48
N LYS P 22 16.46 -0.43 24.65
CA LYS P 22 15.04 -0.57 24.32
C LYS P 22 14.84 -1.88 23.58
N LEU P 23 15.71 -2.15 22.60
CA LEU P 23 15.61 -3.38 21.83
C LEU P 23 15.75 -4.61 22.73
N LYS P 24 16.67 -4.56 23.70
CA LYS P 24 16.83 -5.65 24.65
C LYS P 24 15.56 -5.89 25.46
N GLU P 25 14.92 -4.81 25.86
CA GLU P 25 13.69 -4.94 26.65
C GLU P 25 12.62 -5.58 25.77
N SER P 26 12.57 -5.17 24.51
CA SER P 26 11.61 -5.75 23.57
C SER P 26 11.80 -7.25 23.45
N LEU P 27 13.05 -7.67 23.29
CA LEU P 27 13.38 -9.10 23.16
C LEU P 27 12.90 -9.88 24.36
N GLU P 28 13.13 -9.35 25.57
CA GLU P 28 12.75 -10.05 26.80
C GLU P 28 11.24 -10.21 26.95
N LEU P 29 10.49 -9.16 26.59
CA LEU P 29 9.04 -9.28 26.55
C LEU P 29 8.62 -10.34 25.53
N MET P 30 9.20 -10.28 24.33
CA MET P 30 8.86 -11.23 23.26
C MET P 30 9.08 -12.65 23.74
N GLU P 31 10.09 -12.84 24.58
CA GLU P 31 10.47 -14.18 25.02
C GLU P 31 9.71 -14.64 26.26
N LEU P 32 9.03 -13.71 26.92
CA LEU P 32 8.25 -14.04 28.10
C LEU P 32 6.82 -14.43 27.70
N GLU Q 4 21.04 1.69 -6.87
CA GLU Q 4 22.13 0.72 -6.77
C GLU Q 4 21.65 -0.68 -7.18
N ASP Q 5 22.44 -1.70 -6.88
CA ASP Q 5 22.12 -3.06 -7.30
C ASP Q 5 21.00 -3.67 -6.46
N THR Q 6 20.20 -4.51 -7.10
CA THR Q 6 19.17 -5.26 -6.39
C THR Q 6 19.72 -6.60 -5.95
N TYR Q 7 19.58 -6.87 -4.66
CA TYR Q 7 20.08 -8.10 -4.05
C TYR Q 7 18.96 -9.08 -3.78
N TYR Q 8 19.31 -10.36 -3.67
CA TYR Q 8 18.36 -11.41 -3.40
C TYR Q 8 18.80 -12.20 -2.19
N LEU Q 9 18.01 -12.12 -1.12
CA LEU Q 9 18.33 -12.77 0.14
C LEU Q 9 17.54 -14.07 0.29
N GLN Q 10 18.26 -15.19 0.39
CA GLN Q 10 17.61 -16.47 0.52
C GLN Q 10 17.01 -16.61 1.90
N VAL Q 11 15.77 -17.08 1.96
CA VAL Q 11 15.11 -17.22 3.25
C VAL Q 11 14.35 -18.53 3.31
N ARG Q 12 14.68 -19.34 4.32
CA ARG Q 12 13.97 -20.59 4.53
C ARG Q 12 12.83 -20.38 5.50
N GLY Q 13 11.63 -20.76 5.07
CA GLY Q 13 10.45 -20.69 5.91
C GLY Q 13 9.49 -19.58 5.49
N ARG Q 14 8.24 -19.96 5.30
CA ARG Q 14 7.17 -19.02 4.97
C ARG Q 14 7.11 -17.87 5.96
N GLU Q 15 7.12 -18.20 7.24
CA GLU Q 15 7.00 -17.23 8.31
C GLU Q 15 8.09 -16.16 8.26
N ASN Q 16 9.35 -16.58 8.23
CA ASN Q 16 10.45 -15.63 8.21
C ASN Q 16 10.51 -14.80 6.94
N PHE Q 17 10.07 -15.38 5.83
CA PHE Q 17 10.05 -14.64 4.59
C PHE Q 17 9.07 -13.46 4.72
N GLU Q 18 7.90 -13.70 5.27
CA GLU Q 18 6.88 -12.65 5.46
C GLU Q 18 7.31 -11.58 6.48
N ILE Q 19 7.90 -12.02 7.59
CA ILE Q 19 8.43 -11.07 8.57
C ILE Q 19 9.53 -10.20 7.93
N LEU Q 20 10.41 -10.83 7.17
CA LEU Q 20 11.54 -10.09 6.59
C LEU Q 20 11.10 -9.11 5.52
N MET Q 21 10.05 -9.47 4.79
CA MET Q 21 9.43 -8.54 3.86
C MET Q 21 8.91 -7.31 4.61
N LYS Q 22 8.29 -7.53 5.76
CA LYS Q 22 7.78 -6.41 6.58
C LYS Q 22 8.90 -5.57 7.20
N LEU Q 23 9.99 -6.24 7.58
CA LEU Q 23 11.13 -5.52 8.14
C LEU Q 23 11.80 -4.69 7.06
N LYS Q 24 11.86 -5.24 5.84
CA LYS Q 24 12.41 -4.50 4.71
C LYS Q 24 11.59 -3.25 4.37
N GLU Q 25 10.27 -3.39 4.34
CA GLU Q 25 9.38 -2.27 4.08
C GLU Q 25 9.54 -1.19 5.16
N SER Q 26 9.74 -1.64 6.40
CA SER Q 26 9.94 -0.72 7.53
C SER Q 26 11.26 0.05 7.39
N LEU Q 27 12.33 -0.65 7.05
CA LEU Q 27 13.62 -0.03 6.76
C LEU Q 27 13.48 1.03 5.69
N GLU Q 28 12.76 0.69 4.63
CA GLU Q 28 12.60 1.62 3.52
C GLU Q 28 11.81 2.86 3.97
N LEU Q 29 10.78 2.65 4.77
CA LEU Q 29 10.02 3.77 5.35
C LEU Q 29 10.88 4.70 6.23
N MET Q 30 11.75 4.13 7.05
CA MET Q 30 12.65 4.93 7.86
C MET Q 30 13.62 5.73 7.01
N GLU Q 31 13.99 5.18 5.86
CA GLU Q 31 15.00 5.81 5.01
C GLU Q 31 14.39 6.81 4.03
N LEU Q 32 13.17 7.01 3.99
N GLU R 4 10.59 -25.94 -1.88
CA GLU R 4 9.20 -25.48 -1.90
C GLU R 4 8.91 -24.42 -0.84
N ASP R 5 9.63 -24.46 0.28
CA ASP R 5 9.44 -23.47 1.33
C ASP R 5 10.66 -22.59 1.49
N THR R 6 11.40 -22.39 0.40
CA THR R 6 12.59 -21.55 0.42
C THR R 6 12.38 -20.41 -0.55
N TYR R 7 12.59 -19.18 -0.09
CA TYR R 7 12.23 -18.02 -0.90
C TYR R 7 13.39 -17.04 -1.07
N TYR R 8 13.25 -16.14 -2.02
CA TYR R 8 14.24 -15.09 -2.19
C TYR R 8 13.62 -13.70 -2.04
N LEU R 9 14.06 -12.99 -1.00
CA LEU R 9 13.62 -11.61 -0.75
C LEU R 9 14.40 -10.63 -1.62
N GLN R 10 13.67 -9.82 -2.37
CA GLN R 10 14.23 -8.80 -3.24
C GLN R 10 14.51 -7.54 -2.43
N VAL R 11 15.74 -7.05 -2.52
CA VAL R 11 16.18 -5.93 -1.70
C VAL R 11 17.02 -4.94 -2.49
N ARG R 12 16.60 -3.68 -2.53
CA ARG R 12 17.38 -2.67 -3.23
C ARG R 12 18.53 -2.15 -2.38
N GLY R 13 19.75 -2.28 -2.91
CA GLY R 13 20.93 -1.72 -2.25
C GLY R 13 21.61 -2.69 -1.32
N ARG R 14 22.94 -2.65 -1.29
CA ARG R 14 23.72 -3.51 -0.43
C ARG R 14 23.49 -3.22 1.05
N GLU R 15 23.27 -1.94 1.38
CA GLU R 15 23.08 -1.53 2.77
C GLU R 15 21.93 -2.29 3.43
N ASN R 16 20.74 -2.23 2.82
CA ASN R 16 19.59 -2.95 3.36
C ASN R 16 19.75 -4.47 3.24
N PHE R 17 20.40 -4.91 2.16
CA PHE R 17 20.67 -6.33 2.03
C PHE R 17 21.42 -6.82 3.27
N GLU R 18 22.50 -6.12 3.63
CA GLU R 18 23.30 -6.54 4.78
C GLU R 18 22.56 -6.42 6.12
N ILE R 19 21.72 -5.41 6.26
CA ILE R 19 20.89 -5.27 7.46
C ILE R 19 19.88 -6.40 7.54
N LEU R 20 19.21 -6.68 6.43
CA LEU R 20 18.22 -7.75 6.41
C LEU R 20 18.86 -9.12 6.64
N MET R 21 20.10 -9.30 6.20
CA MET R 21 20.82 -10.53 6.55
C MET R 21 20.97 -10.66 8.08
N LYS R 22 21.40 -9.60 8.72
CA LYS R 22 21.52 -9.58 10.19
C LYS R 22 20.18 -9.83 10.91
N LEU R 23 19.11 -9.20 10.40
CA LEU R 23 17.78 -9.41 10.96
C LEU R 23 17.31 -10.85 10.76
N LYS R 24 17.61 -11.41 9.59
CA LYS R 24 17.31 -12.83 9.37
C LYS R 24 17.99 -13.73 10.42
N GLU R 25 19.28 -13.48 10.64
CA GLU R 25 20.04 -14.29 11.61
C GLU R 25 19.49 -14.11 13.01
N SER R 26 19.02 -12.91 13.32
CA SER R 26 18.38 -12.64 14.61
C SER R 26 17.08 -13.43 14.76
N LEU R 27 16.24 -13.42 13.74
CA LEU R 27 14.99 -14.17 13.79
C LEU R 27 15.23 -15.64 14.06
N GLU R 28 16.19 -16.20 13.33
CA GLU R 28 16.50 -17.62 13.47
C GLU R 28 16.98 -17.95 14.88
N LEU R 29 17.76 -17.05 15.47
CA LEU R 29 18.22 -17.22 16.84
C LEU R 29 17.05 -17.25 17.83
N MET R 30 16.09 -16.34 17.65
CA MET R 30 14.93 -16.31 18.54
C MET R 30 14.11 -17.58 18.46
N GLU R 31 14.19 -18.25 17.32
CA GLU R 31 13.35 -19.41 17.03
C GLU R 31 13.95 -20.76 17.43
N LEU R 32 15.13 -20.73 18.05
CA LEU R 32 15.82 -21.97 18.39
C LEU R 32 15.08 -22.80 19.42
N ASP S 5 10.26 -17.82 -16.93
CA ASP S 5 10.58 -18.47 -15.66
C ASP S 5 11.78 -17.84 -14.96
N THR S 6 11.71 -17.79 -13.63
CA THR S 6 12.75 -17.15 -12.84
C THR S 6 13.67 -18.19 -12.22
N TYR S 7 14.97 -17.93 -12.29
CA TYR S 7 15.97 -18.79 -11.68
C TYR S 7 16.86 -17.99 -10.73
N TYR S 8 17.47 -18.67 -9.78
CA TYR S 8 18.44 -18.03 -8.89
C TYR S 8 19.78 -18.73 -8.98
N LEU S 9 20.76 -18.03 -9.54
CA LEU S 9 22.09 -18.61 -9.69
C LEU S 9 22.91 -18.39 -8.44
N GLN S 10 23.26 -19.47 -7.76
CA GLN S 10 24.12 -19.39 -6.59
C GLN S 10 25.55 -19.06 -7.01
N VAL S 11 26.16 -18.08 -6.35
CA VAL S 11 27.51 -17.66 -6.69
C VAL S 11 28.29 -17.39 -5.42
N ARG S 12 29.38 -18.11 -5.19
CA ARG S 12 30.19 -17.79 -4.00
C ARG S 12 31.31 -16.78 -4.28
N GLY S 13 31.43 -15.80 -3.38
CA GLY S 13 32.45 -14.77 -3.50
C GLY S 13 31.92 -13.50 -4.14
N ARG S 14 32.35 -12.36 -3.62
CA ARG S 14 31.86 -11.08 -4.09
C ARG S 14 32.41 -10.75 -5.48
N GLU S 15 33.64 -11.18 -5.73
CA GLU S 15 34.28 -10.95 -7.02
C GLU S 15 33.43 -11.47 -8.18
N ASN S 16 33.14 -12.77 -8.15
CA ASN S 16 32.38 -13.39 -9.23
C ASN S 16 30.94 -12.95 -9.25
N PHE S 17 30.40 -12.62 -8.08
CA PHE S 17 29.06 -12.05 -8.00
C PHE S 17 29.05 -10.74 -8.77
N GLU S 18 30.01 -9.86 -8.49
CA GLU S 18 30.08 -8.57 -9.16
C GLU S 18 30.30 -8.71 -10.67
N ILE S 19 31.24 -9.57 -11.05
CA ILE S 19 31.48 -9.80 -12.47
C ILE S 19 30.24 -10.37 -13.16
N LEU S 20 29.61 -11.36 -12.53
CA LEU S 20 28.45 -12.00 -13.14
C LEU S 20 27.31 -11.00 -13.35
N MET S 21 27.13 -10.07 -12.40
CA MET S 21 26.13 -9.01 -12.59
C MET S 21 26.45 -8.16 -13.80
N LYS S 22 27.72 -7.83 -14.00
CA LYS S 22 28.11 -7.08 -15.20
C LYS S 22 27.96 -7.90 -16.50
N LEU S 23 28.23 -9.20 -16.43
CA LEU S 23 28.08 -10.04 -17.62
C LEU S 23 26.61 -10.20 -18.00
N LYS S 24 25.76 -10.37 -16.99
CA LYS S 24 24.33 -10.44 -17.20
C LYS S 24 23.82 -9.17 -17.90
N GLU S 25 24.26 -8.01 -17.43
CA GLU S 25 23.89 -6.73 -18.04
C GLU S 25 24.34 -6.69 -19.50
N SER S 26 25.52 -7.23 -19.76
CA SER S 26 26.05 -7.24 -21.12
C SER S 26 25.22 -8.15 -22.02
N LEU S 27 24.88 -9.33 -21.52
CA LEU S 27 24.00 -10.25 -22.25
C LEU S 27 22.70 -9.57 -22.62
N GLU S 28 22.07 -8.91 -21.64
CA GLU S 28 20.82 -8.22 -21.87
C GLU S 28 20.95 -7.17 -22.97
N LEU S 29 22.07 -6.46 -23.00
CA LEU S 29 22.33 -5.47 -24.05
C LEU S 29 22.43 -6.12 -25.42
N MET S 30 23.07 -7.29 -25.49
CA MET S 30 23.25 -7.98 -26.76
C MET S 30 21.94 -8.50 -27.36
N GLU S 31 21.07 -9.06 -26.52
CA GLU S 31 19.88 -9.73 -27.04
C GLU S 31 18.68 -8.79 -27.18
N LEU S 32 18.90 -7.50 -27.02
CA LEU S 32 17.84 -6.53 -27.31
C LEU S 32 18.21 -5.64 -28.49
N ASP T 5 29.22 -14.45 1.93
CA ASP T 5 30.16 -14.98 0.94
C ASP T 5 29.41 -15.67 -0.19
N THR T 6 28.18 -16.09 0.08
CA THR T 6 27.34 -16.70 -0.95
C THR T 6 26.29 -15.72 -1.43
N TYR T 7 26.16 -15.57 -2.75
CA TYR T 7 25.21 -14.66 -3.34
C TYR T 7 24.27 -15.38 -4.32
N TYR T 8 23.15 -14.72 -4.60
CA TYR T 8 22.15 -15.26 -5.51
C TYR T 8 21.82 -14.24 -6.58
N LEU T 9 21.98 -14.65 -7.83
CA LEU T 9 21.71 -13.78 -8.96
C LEU T 9 20.40 -14.21 -9.57
N GLN T 10 19.40 -13.33 -9.57
CA GLN T 10 18.12 -13.63 -10.20
C GLN T 10 18.23 -13.53 -11.71
N VAL T 11 17.76 -14.55 -12.42
CA VAL T 11 17.80 -14.55 -13.88
C VAL T 11 16.47 -14.99 -14.48
N ARG T 12 15.91 -14.15 -15.34
CA ARG T 12 14.70 -14.51 -16.08
C ARG T 12 15.10 -15.32 -17.31
N GLY T 13 14.55 -16.53 -17.45
CA GLY T 13 14.73 -17.30 -18.66
C GLY T 13 15.82 -18.35 -18.53
N ARG T 14 15.57 -19.54 -19.07
CA ARG T 14 16.51 -20.64 -18.95
C ARG T 14 17.77 -20.36 -19.76
N GLU T 15 17.60 -19.68 -20.89
CA GLU T 15 18.73 -19.34 -21.75
C GLU T 15 19.80 -18.61 -20.96
N ASN T 16 19.46 -17.46 -20.41
CA ASN T 16 20.44 -16.68 -19.68
C ASN T 16 20.94 -17.38 -18.43
N PHE T 17 20.07 -18.14 -17.78
CA PHE T 17 20.49 -18.89 -16.61
C PHE T 17 21.62 -19.87 -16.96
N GLU T 18 21.45 -20.59 -18.06
CA GLU T 18 22.47 -21.57 -18.46
C GLU T 18 23.75 -20.87 -18.96
N ILE T 19 23.58 -19.78 -19.70
CA ILE T 19 24.73 -18.99 -20.14
C ILE T 19 25.54 -18.46 -18.95
N LEU T 20 24.86 -17.88 -17.97
CA LEU T 20 25.56 -17.30 -16.82
C LEU T 20 26.19 -18.38 -15.95
N MET T 21 25.54 -19.54 -15.89
CA MET T 21 26.13 -20.68 -15.21
C MET T 21 27.46 -21.05 -15.89
N LYS T 22 27.44 -21.11 -17.22
CA LYS T 22 28.66 -21.41 -17.98
C LYS T 22 29.72 -20.32 -17.74
N LEU T 23 29.30 -19.07 -17.74
CA LEU T 23 30.24 -17.96 -17.54
C LEU T 23 30.84 -18.04 -16.13
N LYS T 24 30.02 -18.40 -15.15
CA LYS T 24 30.50 -18.57 -13.79
C LYS T 24 31.53 -19.70 -13.70
N GLU T 25 31.27 -20.80 -14.40
CA GLU T 25 32.21 -21.92 -14.37
C GLU T 25 33.51 -21.52 -15.06
N SER T 26 33.40 -20.72 -16.11
CA SER T 26 34.61 -20.21 -16.78
C SER T 26 35.43 -19.34 -15.84
N LEU T 27 34.78 -18.37 -15.21
CA LEU T 27 35.46 -17.49 -14.27
C LEU T 27 36.21 -18.32 -13.24
N GLU T 28 35.58 -19.39 -12.75
CA GLU T 28 36.19 -20.20 -11.70
C GLU T 28 37.41 -20.94 -12.23
N LEU T 29 37.29 -21.50 -13.44
CA LEU T 29 38.42 -22.12 -14.11
C LEU T 29 39.59 -21.15 -14.20
N MET T 30 39.32 -19.94 -14.65
CA MET T 30 40.37 -18.92 -14.82
C MET T 30 41.01 -18.57 -13.50
N GLU T 31 40.26 -18.71 -12.42
CA GLU T 31 40.73 -18.31 -11.09
C GLU T 31 41.48 -19.43 -10.37
N LEU T 32 41.45 -20.58 -10.81
N ASP U 5 48.56 3.25 -20.54
CA ASP U 5 49.99 3.49 -20.34
C ASP U 5 50.20 4.68 -19.42
N THR U 6 48.23 5.46 -21.64
CA THR U 6 46.79 5.52 -21.83
C THR U 6 46.42 5.25 -23.28
N TYR U 7 45.41 4.42 -23.47
CA TYR U 7 44.94 4.09 -24.81
C TYR U 7 43.49 4.53 -24.95
N TYR U 8 43.06 4.76 -26.19
CA TYR U 8 41.65 5.06 -26.46
C TYR U 8 41.12 4.10 -27.49
N LEU U 9 40.21 3.21 -27.06
CA LEU U 9 39.69 2.17 -27.94
C LEU U 9 38.49 2.68 -28.71
N GLN U 10 38.60 2.68 -30.03
CA GLN U 10 37.53 3.15 -30.89
C GLN U 10 36.41 2.10 -30.98
N VAL U 11 35.18 2.50 -30.68
CA VAL U 11 34.03 1.60 -30.73
C VAL U 11 32.85 2.23 -31.44
N ARG U 12 32.36 1.56 -32.49
CA ARG U 12 31.17 2.05 -33.19
C ARG U 12 29.89 1.61 -32.47
N GLY U 13 29.01 2.57 -32.22
CA GLY U 13 27.71 2.30 -31.62
C GLY U 13 27.72 2.29 -30.10
N ARG U 14 26.64 2.75 -29.50
CA ARG U 14 26.58 2.84 -28.04
C ARG U 14 26.39 1.48 -27.37
N GLU U 15 25.74 0.56 -28.06
CA GLU U 15 25.53 -0.79 -27.54
C GLU U 15 26.87 -1.40 -27.14
N ASN U 16 27.78 -1.52 -28.11
CA ASN U 16 29.08 -2.14 -27.86
C ASN U 16 29.93 -1.33 -26.91
N PHE U 17 29.79 -0.01 -26.98
CA PHE U 17 30.52 0.84 -26.06
C PHE U 17 30.15 0.47 -24.64
N GLU U 18 28.85 0.37 -24.38
CA GLU U 18 28.37 0.03 -23.04
C GLU U 18 28.82 -1.38 -22.63
N ILE U 19 28.72 -2.31 -23.56
CA ILE U 19 29.12 -3.69 -23.29
C ILE U 19 30.60 -3.73 -22.94
N LEU U 20 31.41 -3.06 -23.75
CA LEU U 20 32.85 -3.05 -23.51
C LEU U 20 33.22 -2.37 -22.20
N MET U 21 32.39 -1.42 -21.77
CA MET U 21 32.60 -0.81 -20.47
C MET U 21 32.43 -1.83 -19.35
N LYS U 22 31.35 -2.61 -19.43
CA LYS U 22 31.11 -3.67 -18.45
C LYS U 22 32.26 -4.69 -18.47
N LEU U 23 32.70 -5.06 -19.68
CA LEU U 23 33.79 -6.03 -19.80
C LEU U 23 35.08 -5.51 -19.20
N LYS U 24 35.39 -4.25 -19.50
CA LYS U 24 36.56 -3.60 -18.92
C LYS U 24 36.49 -3.59 -17.39
N GLU U 25 35.32 -3.28 -16.85
CA GLU U 25 35.12 -3.31 -15.40
C GLU U 25 35.35 -4.72 -14.82
N SER U 26 34.87 -5.72 -15.55
CA SER U 26 35.07 -7.11 -15.15
C SER U 26 36.56 -7.51 -15.14
N LEU U 27 37.29 -7.13 -16.19
CA LEU U 27 38.72 -7.43 -16.23
C LEU U 27 39.42 -6.84 -15.02
N GLU U 28 39.04 -5.62 -14.68
CA GLU U 28 39.71 -4.93 -13.58
C GLU U 28 39.42 -5.63 -12.25
N LEU U 29 38.21 -6.17 -12.11
CA LEU U 29 37.87 -6.95 -10.92
C LEU U 29 38.72 -8.23 -10.80
N MET U 30 38.93 -8.92 -11.91
CA MET U 30 39.73 -10.15 -11.92
C MET U 30 41.22 -9.88 -11.64
N GLU U 31 41.69 -8.70 -12.03
CA GLU U 31 43.11 -8.38 -11.92
C GLU U 31 43.47 -7.79 -10.56
N LEU U 32 42.46 -7.41 -9.78
CA LEU U 32 42.69 -6.88 -8.44
C LEU U 32 43.55 -7.83 -7.61
N ASP V 5 26.88 6.37 -33.70
CA ASP V 5 28.14 7.10 -33.85
C ASP V 5 29.28 6.52 -33.02
N THR V 6 30.47 7.10 -33.18
CA THR V 6 31.70 6.48 -32.70
C THR V 6 32.07 6.95 -31.30
N TYR V 7 32.45 6.00 -30.46
CA TYR V 7 32.79 6.29 -29.07
C TYR V 7 34.24 5.92 -28.81
N TYR V 8 34.81 6.53 -27.79
CA TYR V 8 36.19 6.24 -27.44
C TYR V 8 36.31 5.82 -25.99
N LEU V 9 36.75 4.59 -25.79
CA LEU V 9 36.85 4.03 -24.46
C LEU V 9 38.27 4.16 -23.97
N GLN V 10 38.46 4.93 -22.89
CA GLN V 10 39.79 5.11 -22.30
C GLN V 10 40.23 3.82 -21.60
N VAL V 11 41.43 3.34 -21.93
CA VAL V 11 41.95 2.14 -21.28
C VAL V 11 43.41 2.35 -20.89
N ARG V 12 43.70 2.13 -19.61
CA ARG V 12 45.06 2.23 -19.10
C ARG V 12 45.82 0.92 -19.24
N GLY V 13 47.02 1.00 -19.80
CA GLY V 13 47.87 -0.17 -19.97
C GLY V 13 47.59 -0.91 -21.26
N ARG V 14 48.65 -1.31 -21.96
CA ARG V 14 48.50 -1.98 -23.24
C ARG V 14 47.81 -3.34 -23.13
N GLU V 15 47.95 -4.00 -21.99
CA GLU V 15 47.39 -5.35 -21.83
C GLU V 15 45.88 -5.32 -21.95
N ASN V 16 45.22 -4.49 -21.15
CA ASN V 16 43.77 -4.45 -21.19
C ASN V 16 43.24 -3.91 -22.50
N PHE V 17 44.01 -3.01 -23.12
CA PHE V 17 43.67 -2.50 -24.45
C PHE V 17 43.57 -3.64 -25.45
N GLU V 18 44.61 -4.48 -25.51
CA GLU V 18 44.60 -5.59 -26.45
C GLU V 18 43.48 -6.59 -26.19
N ILE V 19 43.25 -6.91 -24.91
CA ILE V 19 42.14 -7.79 -24.56
C ILE V 19 40.81 -7.23 -25.02
N LEU V 20 40.55 -5.97 -24.67
CA LEU V 20 39.29 -5.33 -25.05
C LEU V 20 39.13 -5.22 -26.57
N MET V 21 40.22 -4.98 -27.27
CA MET V 21 40.20 -4.99 -28.73
C MET V 21 39.73 -6.34 -29.31
N LYS V 22 40.28 -7.43 -28.77
CA LYS V 22 39.84 -8.78 -29.18
C LYS V 22 38.39 -8.99 -28.78
N LEU V 23 38.04 -8.56 -27.58
CA LEU V 23 36.67 -8.72 -27.09
C LEU V 23 35.71 -7.94 -28.00
N LYS V 24 36.12 -6.74 -28.45
CA LYS V 24 35.32 -5.97 -29.40
C LYS V 24 35.11 -6.70 -30.72
N GLU V 25 36.20 -7.28 -31.26
CA GLU V 25 36.07 -8.01 -32.52
C GLU V 25 35.12 -9.20 -32.35
N SER V 26 35.21 -9.86 -31.21
CA SER V 26 34.27 -10.94 -30.90
C SER V 26 32.84 -10.43 -30.95
N LEU V 27 32.59 -9.30 -30.29
CA LEU V 27 31.26 -8.70 -30.26
C LEU V 27 30.75 -8.42 -31.65
N GLU V 28 31.60 -7.80 -32.47
CA GLU V 28 31.28 -7.53 -33.87
C GLU V 28 30.79 -8.77 -34.59
N LEU V 29 31.53 -9.86 -34.45
CA LEU V 29 31.18 -11.10 -35.13
C LEU V 29 29.86 -11.66 -34.60
N MET V 30 29.70 -11.70 -33.28
CA MET V 30 28.45 -12.23 -32.73
C MET V 30 27.25 -11.44 -33.25
N GLU V 31 27.45 -10.16 -33.55
CA GLU V 31 26.34 -9.31 -33.98
C GLU V 31 26.04 -9.37 -35.48
N LEU V 32 26.84 -10.14 -36.22
CA LEU V 32 26.57 -10.34 -37.65
C LEU V 32 25.65 -11.54 -37.89
N ASP W 5 29.68 -26.58 -42.41
CA ASP W 5 31.09 -26.96 -42.39
C ASP W 5 31.63 -27.07 -40.97
N THR W 6 32.33 -28.17 -40.69
CA THR W 6 32.84 -28.43 -39.36
C THR W 6 34.31 -28.08 -39.25
N TYR W 7 34.65 -27.39 -38.18
CA TYR W 7 36.03 -27.01 -37.91
C TYR W 7 36.49 -27.65 -36.61
N TYR W 8 37.80 -27.76 -36.45
CA TYR W 8 38.39 -28.18 -35.18
C TYR W 8 39.36 -27.09 -34.76
N LEU W 9 39.00 -26.37 -33.69
CA LEU W 9 39.83 -25.29 -33.20
C LEU W 9 40.88 -25.84 -32.27
N GLN W 10 42.14 -25.57 -32.59
CA GLN W 10 43.26 -26.02 -31.78
C GLN W 10 43.47 -25.10 -30.58
N VAL W 11 43.61 -25.70 -29.40
CA VAL W 11 43.71 -24.94 -28.16
C VAL W 11 44.79 -25.55 -27.28
N ARG W 12 45.75 -24.72 -26.88
CA ARG W 12 46.80 -25.18 -25.96
C ARG W 12 46.33 -25.10 -24.50
N GLY W 13 46.47 -26.21 -23.78
CA GLY W 13 46.21 -26.25 -22.34
C GLY W 13 44.77 -26.60 -22.01
N ARG W 14 44.58 -27.37 -20.94
CA ARG W 14 43.26 -27.84 -20.54
C ARG W 14 42.33 -26.73 -20.06
N GLU W 15 42.89 -25.76 -19.33
CA GLU W 15 42.10 -24.64 -18.82
C GLU W 15 41.34 -23.94 -19.95
N ASN W 16 42.08 -23.49 -20.96
CA ASN W 16 41.45 -22.75 -22.04
C ASN W 16 40.52 -23.61 -22.85
N PHE W 17 40.86 -24.88 -22.96
CA PHE W 17 39.98 -25.81 -23.65
C PHE W 17 38.63 -25.89 -22.96
N GLU W 18 38.65 -26.04 -21.64
CA GLU W 18 37.39 -26.17 -20.91
C GLU W 18 36.60 -24.86 -20.92
N ILE W 19 37.29 -23.73 -20.82
CA ILE W 19 36.62 -22.43 -20.93
C ILE W 19 35.98 -22.28 -22.30
N LEU W 20 36.74 -22.56 -23.36
CA LEU W 20 36.17 -22.46 -24.69
C LEU W 20 34.98 -23.38 -24.93
N MET W 21 34.97 -24.57 -24.32
CA MET W 21 33.82 -25.46 -24.46
C MET W 21 32.57 -24.76 -23.91
N LYS W 22 32.71 -24.13 -22.75
CA LYS W 22 31.59 -23.42 -22.14
C LYS W 22 31.15 -22.21 -22.95
N LEU W 23 32.14 -21.46 -23.46
CA LEU W 23 31.85 -20.31 -24.31
C LEU W 23 31.16 -20.72 -25.59
N LYS W 24 31.57 -21.85 -26.15
CA LYS W 24 30.91 -22.36 -27.35
C LYS W 24 29.46 -22.71 -27.03
N GLU W 25 29.26 -23.38 -25.89
CA GLU W 25 27.91 -23.77 -25.48
C GLU W 25 27.05 -22.52 -25.29
N SER W 26 27.67 -21.47 -24.74
CA SER W 26 26.98 -20.19 -24.53
C SER W 26 26.59 -19.51 -25.83
N LEU W 27 27.52 -19.43 -26.78
CA LEU W 27 27.20 -18.94 -28.12
C LEU W 27 26.01 -19.67 -28.71
N GLU W 28 26.04 -21.00 -28.63
CA GLU W 28 24.93 -21.81 -29.16
C GLU W 28 23.59 -21.49 -28.47
N LEU W 29 23.62 -21.23 -27.17
CA LEU W 29 22.39 -20.81 -26.50
C LEU W 29 21.93 -19.44 -27.00
N MET W 30 22.86 -18.52 -27.19
CA MET W 30 22.52 -17.18 -27.68
C MET W 30 21.94 -17.23 -29.08
N GLU W 31 22.42 -18.17 -29.90
CA GLU W 31 22.00 -18.25 -31.29
C GLU W 31 20.78 -19.14 -31.49
N LEU W 32 20.38 -19.91 -30.60
N ASP X 5 49.50 -29.69 -23.07
CA ASP X 5 48.74 -30.54 -24.00
C ASP X 5 47.91 -29.72 -24.96
N THR X 6 47.77 -30.22 -26.18
CA THR X 6 46.95 -29.57 -27.19
C THR X 6 45.61 -30.26 -27.33
N TYR X 7 44.55 -29.47 -27.47
CA TYR X 7 43.18 -29.98 -27.53
C TYR X 7 42.50 -29.51 -28.80
N TYR X 8 41.40 -30.16 -29.14
CA TYR X 8 40.68 -29.83 -30.35
C TYR X 8 39.20 -29.66 -30.07
N LEU X 9 38.71 -28.45 -30.31
CA LEU X 9 37.31 -28.13 -30.09
C LEU X 9 36.57 -28.18 -31.43
N GLN X 10 35.57 -29.05 -31.51
CA GLN X 10 34.76 -29.17 -32.71
C GLN X 10 33.77 -28.00 -32.77
N VAL X 11 33.70 -27.33 -33.91
CA VAL X 11 32.82 -26.18 -34.07
C VAL X 11 32.12 -26.25 -35.42
N ARG X 12 30.80 -26.18 -35.40
CA ARG X 12 30.01 -26.15 -36.63
C ARG X 12 29.81 -24.71 -37.12
N GLY X 13 30.25 -24.41 -38.33
CA GLY X 13 30.06 -23.08 -38.90
C GLY X 13 31.25 -22.16 -38.74
N ARG X 14 31.59 -21.46 -39.82
CA ARG X 14 32.74 -20.56 -39.81
C ARG X 14 32.54 -19.41 -38.83
N GLU X 15 31.28 -18.96 -38.68
CA GLU X 15 30.98 -17.82 -37.81
C GLU X 15 31.39 -18.09 -36.37
N ASN X 16 30.90 -19.20 -35.82
CA ASN X 16 31.26 -19.54 -34.46
C ASN X 16 32.74 -19.85 -34.35
N PHE X 17 33.33 -20.41 -35.40
CA PHE X 17 34.75 -20.70 -35.39
C PHE X 17 35.57 -19.43 -35.23
N GLU X 18 35.22 -18.39 -35.99
CA GLU X 18 35.99 -17.14 -35.92
C GLU X 18 35.78 -16.45 -34.57
N ILE X 19 34.57 -16.55 -34.03
CA ILE X 19 34.29 -15.94 -32.73
C ILE X 19 35.11 -16.62 -31.64
N LEU X 20 35.18 -17.95 -31.67
CA LEU X 20 35.90 -18.67 -30.63
C LEU X 20 37.40 -18.46 -30.74
N MET X 21 37.88 -18.24 -31.96
CA MET X 21 39.29 -17.95 -32.15
C MET X 21 39.64 -16.62 -31.47
N LYS X 22 38.76 -15.63 -31.63
CA LYS X 22 38.91 -14.32 -30.97
C LYS X 22 38.87 -14.48 -29.46
N LEU X 23 37.90 -15.25 -28.97
CA LEU X 23 37.79 -15.47 -27.53
C LEU X 23 39.02 -16.19 -26.97
N LYS X 24 39.54 -17.17 -27.72
CA LYS X 24 40.76 -17.85 -27.29
C LYS X 24 41.94 -16.88 -27.17
N GLU X 25 42.09 -16.04 -28.19
CA GLU X 25 43.16 -15.04 -28.17
C GLU X 25 42.97 -14.10 -26.97
N SER X 26 41.73 -13.76 -26.65
CA SER X 26 41.45 -12.92 -25.49
C SER X 26 41.91 -13.61 -24.21
N LEU X 27 41.54 -14.89 -24.06
CA LEU X 27 41.94 -15.66 -22.89
C LEU X 27 43.46 -15.70 -22.76
N GLU X 28 44.15 -15.93 -23.88
CA GLU X 28 45.60 -16.01 -23.83
C GLU X 28 46.24 -14.71 -23.35
N LEU X 29 45.70 -13.57 -23.79
CA LEU X 29 46.18 -12.27 -23.30
C LEU X 29 45.89 -12.09 -21.81
N MET X 30 44.69 -12.46 -21.37
CA MET X 30 44.35 -12.27 -19.95
C MET X 30 45.32 -13.07 -19.10
N GLU X 31 45.71 -14.24 -19.58
CA GLU X 31 46.57 -15.14 -18.81
C GLU X 31 48.03 -14.73 -18.89
N LEU X 32 48.35 -13.89 -19.86
CA LEU X 32 49.71 -13.46 -20.11
C LEU X 32 50.27 -12.66 -18.94
N VAL X 33 49.67 -11.67 -18.51
N GLU Y 4 -20.44 11.40 22.48
CA GLU Y 4 -20.27 10.39 21.44
C GLU Y 4 -18.84 10.35 20.88
N ASP Y 5 -18.13 11.46 21.00
CA ASP Y 5 -16.75 11.53 20.50
C ASP Y 5 -15.80 10.64 21.31
N THR Y 6 -14.73 10.16 20.67
CA THR Y 6 -13.81 9.24 21.32
C THR Y 6 -12.55 9.96 21.78
N TYR Y 7 -12.15 9.72 23.03
CA TYR Y 7 -10.97 10.33 23.61
C TYR Y 7 -9.96 9.29 24.09
N TYR Y 8 -8.68 9.67 24.16
CA TYR Y 8 -7.68 8.82 24.78
C TYR Y 8 -7.00 9.50 25.96
N LEU Y 9 -7.08 8.83 27.11
CA LEU Y 9 -6.50 9.33 28.34
C LEU Y 9 -5.14 8.67 28.59
N GLN Y 10 -4.07 9.47 28.52
CA GLN Y 10 -2.73 8.93 28.77
C GLN Y 10 -2.54 8.68 30.27
N VAL Y 11 -2.12 7.46 30.60
CA VAL Y 11 -1.99 7.04 31.98
C VAL Y 11 -0.61 6.45 32.28
N ARG Y 12 0.03 6.97 33.31
CA ARG Y 12 1.32 6.43 33.75
C ARG Y 12 1.11 5.37 34.83
N GLY Y 13 1.51 4.14 34.53
CA GLY Y 13 1.40 3.06 35.50
C GLY Y 13 0.26 2.10 35.27
N ARG Y 14 0.60 0.82 35.24
CA ARG Y 14 -0.37 -0.24 34.98
C ARG Y 14 -1.44 -0.27 36.06
N GLU Y 15 -1.01 -0.09 37.31
CA GLU Y 15 -1.92 -0.09 38.45
C GLU Y 15 -2.96 1.03 38.29
N ASN Y 16 -2.47 2.23 37.97
CA ASN Y 16 -3.35 3.36 37.69
C ASN Y 16 -4.27 3.11 36.48
N PHE Y 17 -3.69 2.55 35.43
CA PHE Y 17 -4.49 2.21 34.25
C PHE Y 17 -5.64 1.30 34.64
N GLU Y 18 -5.35 0.27 35.42
CA GLU Y 18 -6.38 -0.71 35.80
C GLU Y 18 -7.44 -0.10 36.71
N ILE Y 19 -7.01 0.73 37.65
CA ILE Y 19 -7.95 1.41 38.52
C ILE Y 19 -8.87 2.29 37.69
N LEU Y 20 -8.29 3.09 36.79
CA LEU Y 20 -9.09 3.97 35.94
C LEU Y 20 -10.02 3.20 34.99
N MET Y 21 -9.57 2.03 34.54
CA MET Y 21 -10.43 1.15 33.73
C MET Y 21 -11.69 0.77 34.53
N LYS Y 22 -11.49 0.30 35.75
CA LYS Y 22 -12.61 -0.07 36.62
C LYS Y 22 -13.53 1.11 36.95
N LEU Y 23 -12.93 2.29 37.15
CA LEU Y 23 -13.72 3.50 37.40
C LEU Y 23 -14.52 3.90 36.16
N LYS Y 24 -13.92 3.77 34.98
CA LYS Y 24 -14.65 4.05 33.74
C LYS Y 24 -15.88 3.15 33.62
N GLU Y 25 -15.69 1.86 33.92
CA GLU Y 25 -16.79 0.89 33.88
C GLU Y 25 -17.96 1.32 34.77
N SER Y 26 -17.66 1.67 36.01
CA SER Y 26 -18.68 2.16 36.93
C SER Y 26 -19.40 3.36 36.34
N LEU Y 27 -18.63 4.31 35.79
CA LEU Y 27 -19.21 5.52 35.20
C LEU Y 27 -20.20 5.19 34.09
N GLU Y 28 -19.94 4.11 33.35
CA GLU Y 28 -20.75 3.75 32.20
C GLU Y 28 -22.24 3.62 32.54
N LEU Y 29 -22.54 3.53 33.83
CA LEU Y 29 -23.91 3.38 34.30
C LEU Y 29 -24.43 4.67 34.96
N ASP Z 5 5.45 2.38 33.07
CA ASP Z 5 4.76 1.94 31.86
C ASP Z 5 3.56 2.83 31.53
N THR Z 6 3.50 3.31 30.29
CA THR Z 6 2.42 4.16 29.87
C THR Z 6 1.31 3.39 29.17
N TYR Z 7 0.07 3.76 29.43
CA TYR Z 7 -1.07 3.20 28.73
C TYR Z 7 -1.96 4.31 28.19
N TYR Z 8 -2.85 3.97 27.26
CA TYR Z 8 -3.79 4.94 26.72
C TYR Z 8 -5.20 4.37 26.81
N LEU Z 9 -5.97 4.93 27.73
CA LEU Z 9 -7.33 4.49 28.02
C LEU Z 9 -8.33 5.12 27.07
N GLN Z 10 -8.99 4.29 26.27
CA GLN Z 10 -10.01 4.80 25.38
C GLN Z 10 -11.23 5.22 26.18
N VAL Z 11 -11.80 6.36 25.85
CA VAL Z 11 -12.96 6.86 26.59
C VAL Z 11 -13.98 7.41 25.61
N ARG Z 12 -15.22 6.94 25.72
CA ARG Z 12 -16.30 7.48 24.92
C ARG Z 12 -17.03 8.59 25.66
N GLY Z 13 -17.09 9.78 25.05
CA GLY Z 13 -17.81 10.90 25.63
C GLY Z 13 -16.89 11.93 26.29
N ARG Z 14 -17.11 13.20 25.97
CA ARG Z 14 -16.29 14.29 26.49
C ARG Z 14 -16.43 14.38 28.01
N GLU Z 15 -17.66 14.23 28.49
CA GLU Z 15 -17.94 14.32 29.92
C GLU Z 15 -17.20 13.22 30.68
N ASN Z 16 -17.26 11.99 30.18
CA ASN Z 16 -16.55 10.89 30.81
C ASN Z 16 -15.04 11.09 30.79
N PHE Z 17 -14.53 11.63 29.69
CA PHE Z 17 -13.11 11.91 29.59
C PHE Z 17 -12.70 12.93 30.66
N GLU Z 18 -13.48 14.00 30.79
CA GLU Z 18 -13.19 15.05 31.76
C GLU Z 18 -13.22 14.53 33.19
N ILE Z 19 -14.17 13.66 33.51
CA ILE Z 19 -14.26 13.08 34.85
C ILE Z 19 -13.11 12.10 35.10
N LEU Z 20 -12.77 11.32 34.08
CA LEU Z 20 -11.69 10.36 34.22
C LEU Z 20 -10.34 11.05 34.40
N MET Z 21 -10.16 12.16 33.69
CA MET Z 21 -8.95 12.97 33.87
C MET Z 21 -8.87 13.49 35.30
N LYS Z 22 -10.00 13.90 35.86
CA LYS Z 22 -10.02 14.40 37.24
C LYS Z 22 -9.69 13.29 38.23
N LEU Z 23 -10.25 12.11 37.99
CA LEU Z 23 -9.94 10.92 38.80
C LEU Z 23 -8.48 10.55 38.72
N LYS Z 24 -7.93 10.61 37.49
CA LYS Z 24 -6.49 10.38 37.30
C LYS Z 24 -5.63 11.36 38.09
N GLU Z 25 -5.94 12.66 37.98
CA GLU Z 25 -5.17 13.67 38.72
C GLU Z 25 -5.27 13.45 40.24
N SER Z 26 -6.45 13.09 40.72
CA SER Z 26 -6.66 12.90 42.16
C SER Z 26 -5.85 11.72 42.63
N LEU Z 27 -5.89 10.64 41.86
CA LEU Z 27 -5.08 9.46 42.11
C LEU Z 27 -3.59 9.79 42.17
N GLU Z 28 -3.11 10.52 41.17
CA GLU Z 28 -1.69 10.90 41.12
C GLU Z 28 -1.29 11.76 42.32
N LEU Z 29 -2.14 12.73 42.65
CA LEU Z 29 -1.85 13.60 43.79
C LEU Z 29 -1.87 12.82 45.12
N MET Z 30 -2.85 11.93 45.28
CA MET Z 30 -2.94 11.15 46.52
C MET Z 30 -1.84 10.11 46.65
N GLU Z 31 -1.34 9.60 45.53
CA GLU Z 31 -0.25 8.65 45.57
C GLU Z 31 1.05 9.29 46.07
N LEU Z 32 1.09 10.61 46.11
CA LEU Z 32 2.26 11.33 46.65
C LEU Z 32 2.09 11.78 48.11
N VAL Z 33 1.01 11.34 48.75
CA VAL Z 33 0.70 11.69 50.14
C VAL Z 33 0.52 10.41 50.98
N PRO Z 34 0.95 10.43 52.26
CA PRO Z 34 0.67 9.30 53.15
C PRO Z 34 -0.82 8.97 53.20
N GLN Z 35 -1.15 7.69 53.11
CA GLN Z 35 -2.55 7.26 53.19
C GLN Z 35 -2.89 6.71 54.58
N THR AA 6 -27.41 11.17 51.48
CA THR AA 6 -26.18 11.74 52.02
C THR AA 6 -25.28 10.68 52.65
N TYR AA 7 -24.01 10.68 52.25
CA TYR AA 7 -23.04 9.72 52.76
C TYR AA 7 -21.83 10.42 53.35
N TYR AA 8 -21.00 9.65 54.03
CA TYR AA 8 -19.81 10.19 54.68
C TYR AA 8 -18.61 9.30 54.44
N LEU AA 9 -17.52 9.91 53.97
CA LEU AA 9 -16.27 9.19 53.79
C LEU AA 9 -15.29 9.62 54.86
N GLN AA 10 -14.73 8.67 55.59
CA GLN AA 10 -13.63 8.99 56.48
C GLN AA 10 -12.36 9.16 55.65
N VAL AA 11 -11.64 10.25 55.90
CA VAL AA 11 -10.40 10.52 55.19
C VAL AA 11 -9.29 10.88 56.15
N ARG AA 12 -8.20 10.13 56.10
CA ARG AA 12 -7.03 10.42 56.94
C ARG AA 12 -6.07 11.35 56.22
N GLY AA 13 -5.82 12.52 56.80
CA GLY AA 13 -4.87 13.46 56.26
C GLY AA 13 -5.55 14.62 55.57
N ARG AA 14 -5.15 15.83 55.95
CA ARG AA 14 -5.78 17.06 55.46
C ARG AA 14 -5.73 17.22 53.95
N GLU AA 15 -4.61 16.84 53.34
CA GLU AA 15 -4.45 17.03 51.90
C GLU AA 15 -5.31 16.00 51.15
N ASN AA 16 -5.29 14.76 51.63
CA ASN AA 16 -6.19 13.72 51.10
C ASN AA 16 -7.63 14.23 51.09
N PHE AA 17 -8.04 14.83 52.20
CA PHE AA 17 -9.38 15.38 52.34
C PHE AA 17 -9.72 16.47 51.31
N GLU AA 18 -8.82 17.43 51.14
CA GLU AA 18 -9.01 18.52 50.17
C GLU AA 18 -9.00 18.03 48.73
N ILE AA 19 -8.18 17.03 48.45
CA ILE AA 19 -8.16 16.47 47.11
C ILE AA 19 -9.50 15.80 46.80
N LEU AA 20 -10.01 15.00 47.74
CA LEU AA 20 -11.30 14.34 47.56
C LEU AA 20 -12.44 15.34 47.52
N MET AA 21 -12.35 16.38 48.33
CA MET AA 21 -13.38 17.43 48.33
C MET AA 21 -13.52 18.09 46.96
N LYS AA 22 -12.38 18.37 46.31
CA LYS AA 22 -12.38 18.96 44.97
C LYS AA 22 -12.93 18.02 43.94
N LEU AA 23 -12.52 16.76 44.02
CA LEU AA 23 -13.05 15.75 43.12
C LEU AA 23 -14.57 15.70 43.25
N LYS AA 24 -15.05 15.69 44.50
CA LYS AA 24 -16.50 15.65 44.74
C LYS AA 24 -17.21 16.82 44.05
N GLU AA 25 -16.72 18.03 44.29
CA GLU AA 25 -17.27 19.22 43.65
C GLU AA 25 -17.41 19.08 42.12
N SER AA 26 -16.42 18.47 41.48
CA SER AA 26 -16.45 18.28 40.03
C SER AA 26 -17.49 17.26 39.59
N LEU AA 27 -17.56 16.14 40.31
CA LEU AA 27 -18.58 15.14 40.04
C LEU AA 27 -19.98 15.76 40.07
N GLU AA 28 -20.19 16.69 40.99
CA GLU AA 28 -21.48 17.37 41.12
C GLU AA 28 -21.79 18.28 39.93
N LEU AA 29 -20.81 19.10 39.54
CA LEU AA 29 -20.98 20.02 38.42
C LEU AA 29 -21.08 19.28 37.08
N MET AA 30 -20.33 18.19 36.96
CA MET AA 30 -20.39 17.34 35.76
C MET AA 30 -21.60 16.43 35.79
N GLU AA 31 -22.66 16.89 36.47
CA GLU AA 31 -23.91 16.13 36.54
C GLU AA 31 -25.11 17.07 36.40
N LEU AA 32 -25.01 18.27 36.64
N ASP BA 5 -4.45 13.39 61.18
CA ASP BA 5 -5.80 13.87 61.46
C ASP BA 5 -6.84 13.14 60.62
N THR BA 6 -8.05 13.06 61.16
CA THR BA 6 -9.15 12.36 60.51
C THR BA 6 -10.24 13.36 60.16
N TYR BA 7 -10.76 13.27 58.95
CA TYR BA 7 -11.84 14.15 58.51
C TYR BA 7 -13.01 13.32 57.98
N TYR BA 8 -14.19 13.91 57.97
CA TYR BA 8 -15.34 13.23 57.39
C TYR BA 8 -15.92 14.03 56.24
N LEU BA 9 -15.88 13.45 55.04
CA LEU BA 9 -16.34 14.16 53.85
C LEU BA 9 -17.80 13.83 53.55
N GLN BA 10 -18.64 14.85 53.54
CA GLN BA 10 -20.03 14.66 53.23
C GLN BA 10 -20.21 14.57 51.72
N VAL BA 11 -20.89 13.52 51.27
CA VAL BA 11 -21.14 13.36 49.84
C VAL BA 11 -22.63 13.15 49.55
N ARG BA 12 -23.21 14.02 48.73
CA ARG BA 12 -24.60 13.88 48.31
C ARG BA 12 -24.69 13.01 47.05
N GLY BA 13 -25.52 11.99 47.10
CA GLY BA 13 -25.73 11.12 45.96
C GLY BA 13 -24.96 9.82 46.06
N ARG BA 14 -25.66 8.71 45.87
CA ARG BA 14 -25.08 7.39 46.01
C ARG BA 14 -23.99 7.14 44.97
N GLU BA 15 -24.20 7.66 43.76
CA GLU BA 15 -23.25 7.46 42.66
C GLU BA 15 -21.90 8.09 42.96
N ASN BA 16 -21.93 9.35 43.36
CA ASN BA 16 -20.69 10.05 43.70
C ASN BA 16 -19.97 9.40 44.88
N PHE BA 17 -20.74 8.95 45.86
CA PHE BA 17 -20.17 8.29 47.02
C PHE BA 17 -19.41 7.05 46.62
N GLU BA 18 -20.00 6.25 45.75
CA GLU BA 18 -19.39 4.99 45.32
C GLU BA 18 -18.14 5.21 44.47
N ILE BA 19 -18.15 6.27 43.66
CA ILE BA 19 -16.95 6.62 42.90
C ILE BA 19 -15.81 6.97 43.85
N LEU BA 20 -16.06 7.93 44.74
CA LEU BA 20 -15.07 8.29 45.76
C LEU BA 20 -14.60 7.09 46.57
N MET BA 21 -15.56 6.26 47.00
CA MET BA 21 -15.25 5.02 47.71
C MET BA 21 -14.34 4.10 46.90
N LYS BA 22 -14.71 3.84 45.66
CA LYS BA 22 -13.89 2.97 44.81
C LYS BA 22 -12.48 3.54 44.73
N LEU BA 23 -12.39 4.85 44.52
CA LEU BA 23 -11.09 5.48 44.37
C LEU BA 23 -10.25 5.30 45.61
N LYS BA 24 -10.86 5.57 46.76
CA LYS BA 24 -10.15 5.49 48.03
C LYS BA 24 -9.67 4.07 48.34
N GLU BA 25 -10.54 3.09 48.12
CA GLU BA 25 -10.19 1.70 48.36
C GLU BA 25 -9.02 1.28 47.46
N SER BA 26 -9.06 1.71 46.19
CA SER BA 26 -7.95 1.44 45.27
C SER BA 26 -6.62 1.97 45.82
N LEU BA 27 -6.62 3.18 46.34
CA LEU BA 27 -5.42 3.74 46.98
C LEU BA 27 -4.94 2.90 48.16
N GLU BA 28 -5.85 2.54 49.05
CA GLU BA 28 -5.50 1.74 50.21
C GLU BA 28 -4.92 0.41 49.76
N LEU BA 29 -5.60 -0.23 48.81
CA LEU BA 29 -5.19 -1.52 48.28
C LEU BA 29 -3.99 -1.36 47.37
N MET BA 30 -3.02 -0.59 47.82
CA MET BA 30 -1.89 -0.21 46.98
C MET BA 30 -0.83 0.39 47.88
N GLU BA 31 -1.13 0.45 49.18
CA GLU BA 31 -0.26 1.07 50.17
C GLU BA 31 0.03 2.54 49.83
N LEU BA 32 1.17 2.98 49.92
#